data_4GLT
#
_entry.id   4GLT
#
_cell.length_a   54.815
_cell.length_b   97.024
_cell.length_c   81.868
_cell.angle_alpha   90.00
_cell.angle_beta   105.38
_cell.angle_gamma   90.00
#
_symmetry.space_group_name_H-M   'P 1 21 1'
#
loop_
_entity.id
_entity.type
_entity.pdbx_description
1 polymer 'Glutathione S-transferase-like protein'
2 non-polymer GLUTATHIONE
3 water water
#
_entity_poly.entity_id   1
_entity_poly.type   'polypeptide(L)'
_entity_poly.pdbx_seq_one_letter_code
;MHHHHHHSSGVDLGTENLYFQSMKLLYSNTSPYARKVRVVAAEKRIDVDMVLVVLADPECPVADHNPLGKIPVLILPDGE
SLYDSRVIVEYLDHRTPVAHLIPQDHTAKIAVRRWEALADGVTDAAVAAVMEGRRPEGMQDSAVIEKQLNKVERGLRRMD
QDLEKRKWCVNESFSLADIAVGCMLGYLELRYQHLDWKQQYPNLARHYAAMMKRASFKDTAPVIG
;
_entity_poly.pdbx_strand_id   A,B,C,D
#
loop_
_chem_comp.id
_chem_comp.type
_chem_comp.name
_chem_comp.formula
GSH non-polymer GLUTATHIONE 'C10 H17 N3 O6 S'
#
# COMPACT_ATOMS: atom_id res chain seq x y z
N ASN A 17 27.95 -18.10 3.01
CA ASN A 17 26.84 -17.52 3.83
C ASN A 17 27.35 -17.08 5.19
N LEU A 18 26.59 -17.34 6.25
CA LEU A 18 26.96 -16.87 7.58
C LEU A 18 26.77 -17.90 8.70
N TYR A 19 27.77 -18.00 9.56
CA TYR A 19 27.67 -18.78 10.78
C TYR A 19 26.94 -18.03 11.89
N PHE A 20 26.36 -18.77 12.83
CA PHE A 20 25.66 -18.19 13.97
C PHE A 20 24.47 -17.37 13.52
N GLN A 21 24.00 -17.64 12.32
CA GLN A 21 22.82 -16.98 11.78
C GLN A 21 21.61 -17.18 12.71
N SER A 22 20.86 -16.11 12.93
CA SER A 22 19.63 -16.20 13.71
C SER A 22 18.46 -16.51 12.78
N MET A 23 17.34 -16.94 13.36
CA MET A 23 16.12 -17.10 12.60
C MET A 23 15.70 -15.73 12.09
N LYS A 24 15.30 -15.68 10.83
CA LYS A 24 14.85 -14.43 10.22
C LYS A 24 13.35 -14.44 9.98
N LEU A 25 12.68 -13.36 10.35
CA LEU A 25 11.24 -13.23 10.13
C LEU A 25 10.90 -12.15 9.13
N LEU A 26 10.64 -12.53 7.89
CA LEU A 26 10.24 -11.57 6.88
C LEU A 26 8.89 -10.99 7.27
N TYR A 27 8.77 -9.69 7.18
CA TYR A 27 7.55 -9.00 7.58
C TYR A 27 7.45 -7.62 6.94
N SER A 28 6.24 -7.08 6.89
CA SER A 28 5.99 -5.71 6.45
C SER A 28 5.47 -4.92 7.65
N ASN A 29 5.33 -3.60 7.49
CA ASN A 29 4.89 -2.75 8.61
C ASN A 29 3.39 -2.77 8.90
N THR A 30 2.59 -3.27 7.96
CA THR A 30 1.14 -3.24 8.12
C THR A 30 0.51 -4.62 8.32
N SER A 31 1.25 -5.67 7.99
CA SER A 31 0.68 -7.03 8.03
C SER A 31 0.28 -7.53 9.43
N PRO A 32 -1.03 -7.71 9.68
CA PRO A 32 -1.49 -8.11 11.01
C PRO A 32 -1.13 -9.57 11.34
N TYR A 33 -0.92 -10.36 10.29
CA TYR A 33 -0.46 -11.73 10.44
C TYR A 33 1.00 -11.75 10.84
N ALA A 34 1.78 -10.83 10.28
CA ALA A 34 3.17 -10.68 10.64
C ALA A 34 3.25 -10.22 12.09
N ARG A 35 2.38 -9.29 12.46
CA ARG A 35 2.37 -8.72 13.79
C ARG A 35 2.09 -9.80 14.84
N LYS A 36 1.15 -10.69 14.53
CA LYS A 36 0.82 -11.80 15.43
C LYS A 36 2.11 -12.62 15.68
N VAL A 37 2.86 -12.87 14.61
CA VAL A 37 4.14 -13.58 14.71
C VAL A 37 5.17 -12.79 15.53
N ARG A 38 5.34 -11.51 15.23
CA ARG A 38 6.31 -10.71 15.97
C ARG A 38 5.96 -10.70 17.46
N VAL A 39 4.68 -10.56 17.77
CA VAL A 39 4.25 -10.48 19.16
C VAL A 39 4.52 -11.77 19.92
N VAL A 40 4.38 -12.89 19.24
CA VAL A 40 4.58 -14.18 19.89
C VAL A 40 6.06 -14.32 20.16
N ALA A 41 6.88 -13.88 19.20
CA ALA A 41 8.34 -13.92 19.33
C ALA A 41 8.80 -13.22 20.59
N ALA A 42 8.21 -12.06 20.87
CA ALA A 42 8.57 -11.28 22.05
C ALA A 42 8.09 -11.97 23.31
N GLU A 43 6.87 -12.48 23.29
CA GLU A 43 6.34 -13.15 24.46
C GLU A 43 7.15 -14.39 24.81
N LYS A 44 7.60 -15.12 23.81
CA LYS A 44 8.41 -16.28 24.08
C LYS A 44 9.81 -15.86 24.50
N ARG A 45 10.14 -14.60 24.28
CA ARG A 45 11.49 -14.13 24.57
C ARG A 45 12.47 -14.81 23.66
N ILE A 46 12.12 -14.89 22.39
CA ILE A 46 13.00 -15.46 21.40
C ILE A 46 13.64 -14.37 20.58
N ASP A 47 14.95 -14.41 20.46
CA ASP A 47 15.68 -13.43 19.66
C ASP A 47 15.51 -13.84 18.21
N VAL A 48 15.05 -12.90 17.40
CA VAL A 48 14.80 -13.18 15.99
C VAL A 48 15.18 -11.99 15.10
N ASP A 49 15.95 -12.26 14.07
CA ASP A 49 16.33 -11.22 13.11
C ASP A 49 15.10 -10.80 12.32
N MET A 50 14.52 -9.66 12.68
CA MET A 50 13.28 -9.22 12.05
C MET A 50 13.59 -8.43 10.78
N VAL A 51 13.15 -8.92 9.62
CA VAL A 51 13.52 -8.29 8.36
C VAL A 51 12.34 -7.62 7.65
N LEU A 52 12.27 -6.30 7.76
CA LEU A 52 11.24 -5.54 7.08
C LEU A 52 11.40 -5.78 5.59
N VAL A 53 10.30 -6.03 4.90
CA VAL A 53 10.39 -6.42 3.51
C VAL A 53 9.34 -5.71 2.65
N VAL A 54 9.58 -5.66 1.35
CA VAL A 54 8.63 -5.11 0.41
C VAL A 54 8.33 -6.24 -0.55
N LEU A 55 7.06 -6.57 -0.71
CA LEU A 55 6.68 -7.77 -1.44
C LEU A 55 7.11 -7.76 -2.89
N ALA A 56 6.97 -6.61 -3.52
CA ALA A 56 7.33 -6.46 -4.92
C ALA A 56 8.82 -6.69 -5.22
N ASP A 57 9.67 -6.32 -4.25
CA ASP A 57 11.11 -6.21 -4.46
C ASP A 57 11.87 -7.46 -4.88
N PRO A 58 12.81 -7.23 -5.80
CA PRO A 58 13.75 -8.24 -6.31
C PRO A 58 14.85 -8.71 -5.36
N GLU A 59 15.43 -7.79 -4.57
CA GLU A 59 16.59 -8.11 -3.75
C GLU A 59 16.31 -9.22 -2.74
N CYS A 60 15.14 -9.14 -2.10
CA CYS A 60 14.69 -10.19 -1.24
C CYS A 60 13.47 -10.74 -1.94
N PRO A 61 13.61 -11.92 -2.53
CA PRO A 61 12.47 -12.51 -3.24
C PRO A 61 11.84 -13.52 -2.32
N VAL A 62 10.66 -13.18 -1.87
CA VAL A 62 9.92 -13.98 -0.92
C VAL A 62 9.59 -15.31 -1.53
N ALA A 63 9.27 -15.30 -2.81
CA ALA A 63 8.84 -16.48 -3.52
C ALA A 63 9.84 -17.62 -3.43
N ASP A 64 11.10 -17.29 -3.19
CA ASP A 64 12.13 -18.31 -3.04
C ASP A 64 12.02 -18.97 -1.67
N HIS A 65 11.30 -18.36 -0.75
CA HIS A 65 11.15 -18.93 0.58
C HIS A 65 9.70 -19.33 0.85
N ASN A 66 8.79 -18.51 0.37
CA ASN A 66 7.38 -18.86 0.38
C ASN A 66 6.82 -18.77 -1.03
N PRO A 67 6.49 -19.92 -1.62
CA PRO A 67 6.03 -19.93 -3.02
C PRO A 67 4.75 -19.12 -3.20
N LEU A 68 3.94 -19.05 -2.15
CA LEU A 68 2.71 -18.28 -2.15
C LEU A 68 2.99 -16.79 -2.33
N GLY A 69 4.20 -16.38 -1.95
CA GLY A 69 4.61 -14.97 -2.03
C GLY A 69 4.11 -14.12 -0.88
N LYS A 70 3.85 -14.74 0.27
CA LYS A 70 3.17 -14.05 1.35
C LYS A 70 4.01 -13.94 2.61
N ILE A 71 3.87 -12.80 3.28
CA ILE A 71 4.51 -12.55 4.56
C ILE A 71 3.46 -12.85 5.64
N PRO A 72 3.88 -13.26 6.85
CA PRO A 72 5.26 -13.47 7.29
C PRO A 72 5.81 -14.82 6.82
N VAL A 73 7.13 -14.90 6.71
CA VAL A 73 7.85 -16.13 6.54
C VAL A 73 8.93 -16.21 7.59
N LEU A 74 9.04 -17.32 8.31
CA LEU A 74 10.18 -17.53 9.19
C LEU A 74 11.22 -18.39 8.49
N ILE A 75 12.37 -17.79 8.17
CA ILE A 75 13.51 -18.50 7.60
C ILE A 75 14.48 -18.92 8.71
N LEU A 76 14.57 -20.23 8.97
CA LEU A 76 15.45 -20.78 9.99
C LEU A 76 16.90 -20.92 9.50
N PRO A 77 17.86 -21.08 10.43
CA PRO A 77 19.29 -21.18 10.09
C PRO A 77 19.62 -22.27 9.06
N ASP A 78 18.75 -23.27 8.91
CA ASP A 78 18.91 -24.28 7.87
C ASP A 78 18.68 -23.66 6.50
N GLY A 79 18.02 -22.51 6.49
CA GLY A 79 17.58 -21.90 5.24
C GLY A 79 16.24 -22.45 4.84
N GLU A 80 15.60 -23.17 5.76
CA GLU A 80 14.27 -23.73 5.50
C GLU A 80 13.22 -22.79 6.09
N SER A 81 12.15 -22.55 5.33
CA SER A 81 11.19 -21.53 5.73
C SER A 81 9.83 -22.08 6.12
N LEU A 82 9.26 -21.49 7.16
CA LEU A 82 7.94 -21.84 7.64
C LEU A 82 6.95 -20.69 7.38
N TYR A 83 5.78 -21.05 6.88
CA TYR A 83 4.67 -20.15 6.62
C TYR A 83 3.49 -21.09 6.71
N ASP A 84 2.27 -20.65 6.94
CA ASP A 84 1.89 -19.27 7.19
C ASP A 84 2.00 -18.95 8.67
N SER A 85 1.38 -17.87 9.06
CA SER A 85 1.49 -17.40 10.42
C SER A 85 1.04 -18.46 11.40
N ARG A 86 0.01 -19.21 11.07
CA ARG A 86 -0.48 -20.24 11.98
C ARG A 86 0.52 -21.37 12.27
N VAL A 87 1.25 -21.79 11.25
CA VAL A 87 2.32 -22.76 11.42
C VAL A 87 3.47 -22.16 12.26
N ILE A 88 3.92 -20.96 11.86
CA ILE A 88 5.05 -20.28 12.49
C ILE A 88 4.90 -20.09 14.00
N VAL A 89 3.71 -19.67 14.40
CA VAL A 89 3.35 -19.49 15.80
C VAL A 89 3.29 -20.79 16.62
N GLU A 90 3.07 -21.93 15.99
CA GLU A 90 3.11 -23.18 16.76
C GLU A 90 4.57 -23.56 16.95
N TYR A 91 5.33 -23.43 15.88
CA TYR A 91 6.77 -23.63 15.96
C TYR A 91 7.46 -22.85 17.09
N LEU A 92 7.16 -21.55 17.21
CA LEU A 92 7.84 -20.70 18.18
C LEU A 92 7.41 -20.96 19.62
N ASP A 93 6.13 -21.28 19.84
CA ASP A 93 5.66 -21.50 21.21
C ASP A 93 6.37 -22.71 21.81
N HIS A 94 6.98 -23.54 20.98
CA HIS A 94 7.64 -24.76 21.43
C HIS A 94 9.14 -24.54 21.62
N ARG A 95 9.64 -23.40 21.16
CA ARG A 95 11.05 -23.06 21.33
C ARG A 95 11.51 -22.80 22.77
N THR A 96 10.67 -22.16 23.57
CA THR A 96 11.02 -21.81 24.92
C THR A 96 9.89 -22.08 25.89
N PRO A 97 10.22 -22.21 27.15
CA PRO A 97 9.27 -22.58 28.19
C PRO A 97 8.74 -21.38 28.89
N VAL A 98 8.94 -20.21 28.32
CA VAL A 98 8.56 -18.99 29.00
C VAL A 98 7.08 -18.96 29.32
N ALA A 99 6.26 -19.32 28.34
CA ALA A 99 4.83 -19.32 28.54
C ALA A 99 4.23 -20.29 27.56
N HIS A 100 3.00 -20.71 27.81
CA HIS A 100 2.37 -21.56 26.84
C HIS A 100 1.36 -20.70 26.11
N LEU A 101 1.75 -20.22 24.93
CA LEU A 101 0.85 -19.48 24.09
C LEU A 101 -0.24 -20.41 23.59
N ILE A 102 0.14 -21.64 23.31
CA ILE A 102 -0.83 -22.66 22.95
C ILE A 102 -0.88 -23.71 24.06
N PRO A 103 -2.00 -23.79 24.74
CA PRO A 103 -2.12 -24.71 25.87
C PRO A 103 -1.87 -26.17 25.49
N GLN A 104 -1.23 -26.90 26.40
CA GLN A 104 -0.97 -28.33 26.23
C GLN A 104 -2.27 -29.15 26.25
N ASP A 105 -3.20 -28.76 27.12
CA ASP A 105 -4.47 -29.48 27.23
C ASP A 105 -5.33 -29.32 25.97
N HIS A 106 -5.83 -30.44 25.46
CA HIS A 106 -6.48 -30.42 24.15
C HIS A 106 -7.73 -29.53 24.10
N THR A 107 -8.58 -29.62 25.11
CA THR A 107 -9.76 -28.77 25.18
C THR A 107 -9.31 -27.31 25.00
N ALA A 108 -8.51 -26.84 25.96
CA ALA A 108 -7.99 -25.47 25.92
C ALA A 108 -7.31 -25.12 24.59
N LYS A 109 -6.57 -26.06 24.02
CA LYS A 109 -5.81 -25.78 22.80
C LYS A 109 -6.69 -25.63 21.55
N ILE A 110 -7.71 -26.46 21.45
CA ILE A 110 -8.67 -26.30 20.37
C ILE A 110 -9.44 -24.98 20.59
N ALA A 111 -9.77 -24.71 21.86
CA ALA A 111 -10.38 -23.45 22.20
C ALA A 111 -9.50 -22.29 21.73
N VAL A 112 -8.19 -22.41 21.91
CA VAL A 112 -7.26 -21.35 21.53
C VAL A 112 -7.19 -21.19 20.02
N ARG A 113 -7.09 -22.31 19.32
CA ARG A 113 -6.98 -22.22 17.86
C ARG A 113 -8.30 -21.78 17.19
N ARG A 114 -9.42 -22.03 17.86
CA ARG A 114 -10.72 -21.59 17.34
C ARG A 114 -10.86 -20.06 17.40
N TRP A 115 -10.63 -19.50 18.59
CA TRP A 115 -10.51 -18.05 18.73
C TRP A 115 -9.64 -17.46 17.63
N GLU A 116 -8.42 -18.00 17.49
CA GLU A 116 -7.44 -17.50 16.52
C GLU A 116 -7.93 -17.51 15.07
N ALA A 117 -8.67 -18.56 14.72
CA ALA A 117 -9.27 -18.68 13.38
C ALA A 117 -10.36 -17.64 13.20
N LEU A 118 -11.11 -17.36 14.26
CA LEU A 118 -12.14 -16.35 14.20
C LEU A 118 -11.49 -14.99 13.94
N ALA A 119 -10.47 -14.69 14.72
CA ALA A 119 -9.69 -13.47 14.60
C ALA A 119 -9.00 -13.36 13.25
N ASP A 120 -8.34 -14.42 12.81
CA ASP A 120 -7.71 -14.37 11.49
C ASP A 120 -8.77 -14.22 10.39
N GLY A 121 -9.91 -14.86 10.59
CA GLY A 121 -10.98 -14.83 9.61
C GLY A 121 -11.56 -13.44 9.43
N VAL A 122 -11.74 -12.74 10.55
CA VAL A 122 -12.16 -11.36 10.54
C VAL A 122 -11.12 -10.52 9.80
N THR A 123 -9.85 -10.81 10.06
CA THR A 123 -8.77 -10.05 9.42
C THR A 123 -8.85 -10.31 7.92
N ASP A 124 -9.10 -11.57 7.53
CA ASP A 124 -9.17 -11.88 6.09
C ASP A 124 -10.29 -11.07 5.48
N ALA A 125 -11.36 -10.88 6.24
CA ALA A 125 -12.55 -10.21 5.71
C ALA A 125 -12.22 -8.73 5.49
N ALA A 126 -11.54 -8.14 6.47
CA ALA A 126 -11.09 -6.75 6.38
C ALA A 126 -10.09 -6.51 5.25
N VAL A 127 -9.13 -7.42 5.12
CA VAL A 127 -8.16 -7.30 4.04
C VAL A 127 -8.90 -7.33 2.71
N ALA A 128 -9.92 -8.18 2.66
CA ALA A 128 -10.69 -8.36 1.44
C ALA A 128 -11.35 -7.04 1.09
N ALA A 129 -12.11 -6.51 2.05
CA ALA A 129 -12.74 -5.22 1.89
C ALA A 129 -11.71 -4.19 1.42
N VAL A 130 -10.67 -4.00 2.22
CA VAL A 130 -9.64 -2.99 1.94
C VAL A 130 -9.09 -3.10 0.52
N MET A 131 -8.64 -4.28 0.15
CA MET A 131 -8.11 -4.47 -1.21
C MET A 131 -9.19 -4.23 -2.26
N GLU A 132 -10.43 -4.58 -1.92
CA GLU A 132 -11.53 -4.40 -2.88
C GLU A 132 -11.62 -2.94 -3.27
N GLY A 133 -11.39 -2.07 -2.28
CA GLY A 133 -11.46 -0.63 -2.51
C GLY A 133 -10.29 -0.11 -3.32
N ARG A 134 -9.26 -0.92 -3.44
CA ARG A 134 -8.05 -0.51 -4.14
C ARG A 134 -8.05 -0.92 -5.60
N ARG A 135 -9.12 -1.59 -6.03
CA ARG A 135 -9.19 -2.04 -7.41
C ARG A 135 -9.32 -0.84 -8.34
N PRO A 136 -8.94 -1.00 -9.62
CA PRO A 136 -9.10 0.12 -10.55
C PRO A 136 -10.49 0.72 -10.49
N GLU A 137 -10.61 2.01 -10.79
CA GLU A 137 -11.84 2.75 -10.53
C GLU A 137 -13.09 2.13 -11.15
N GLY A 138 -12.96 1.59 -12.36
CA GLY A 138 -14.06 0.91 -13.03
C GLY A 138 -14.48 -0.40 -12.34
N MET A 139 -13.52 -1.30 -12.13
CA MET A 139 -13.82 -2.64 -11.65
C MET A 139 -13.81 -2.79 -10.12
N GLN A 140 -14.78 -2.18 -9.46
CA GLN A 140 -14.86 -2.22 -8.00
C GLN A 140 -16.30 -2.46 -7.53
N ASP A 141 -16.49 -3.43 -6.65
CA ASP A 141 -17.83 -3.94 -6.36
C ASP A 141 -18.30 -3.74 -4.91
N SER A 142 -19.21 -2.79 -4.72
CA SER A 142 -19.70 -2.43 -3.39
C SER A 142 -20.31 -3.62 -2.60
N ALA A 143 -20.78 -4.63 -3.31
CA ALA A 143 -21.44 -5.79 -2.69
C ALA A 143 -20.43 -6.65 -1.94
N VAL A 144 -19.27 -6.82 -2.56
CA VAL A 144 -18.17 -7.57 -2.00
C VAL A 144 -17.72 -6.94 -0.70
N ILE A 145 -17.57 -5.62 -0.72
CA ILE A 145 -17.20 -4.88 0.47
C ILE A 145 -18.25 -5.09 1.57
N GLU A 146 -19.52 -4.96 1.19
CA GLU A 146 -20.61 -5.11 2.14
C GLU A 146 -20.57 -6.49 2.81
N LYS A 147 -20.49 -7.53 2.01
CA LYS A 147 -20.45 -8.88 2.52
C LYS A 147 -19.31 -9.11 3.49
N GLN A 148 -18.12 -8.68 3.12
CA GLN A 148 -16.94 -8.89 3.96
C GLN A 148 -17.04 -8.12 5.27
N LEU A 149 -17.44 -6.85 5.19
CA LEU A 149 -17.59 -6.04 6.40
C LEU A 149 -18.73 -6.63 7.22
N ASN A 150 -19.55 -7.44 6.58
CA ASN A 150 -20.53 -8.23 7.31
C ASN A 150 -19.88 -9.29 8.19
N LYS A 151 -18.90 -10.01 7.65
CA LYS A 151 -18.21 -11.03 8.44
C LYS A 151 -17.54 -10.40 9.66
N VAL A 152 -16.96 -9.22 9.44
CA VAL A 152 -16.29 -8.45 10.48
C VAL A 152 -17.21 -8.15 11.66
N GLU A 153 -18.34 -7.51 11.35
CA GLU A 153 -19.30 -7.11 12.36
C GLU A 153 -19.78 -8.31 13.17
N ARG A 154 -20.12 -9.39 12.47
CA ARG A 154 -20.60 -10.60 13.13
C ARG A 154 -19.51 -11.20 14.02
N GLY A 155 -18.30 -11.29 13.49
CA GLY A 155 -17.17 -11.79 14.27
C GLY A 155 -16.91 -10.97 15.52
N LEU A 156 -16.88 -9.65 15.36
CA LEU A 156 -16.70 -8.73 16.49
C LEU A 156 -17.78 -8.89 17.54
N ARG A 157 -19.03 -9.04 17.11
CA ARG A 157 -20.11 -9.19 18.06
C ARG A 157 -19.94 -10.48 18.83
N ARG A 158 -19.55 -11.54 18.14
CA ARG A 158 -19.34 -12.83 18.77
C ARG A 158 -18.21 -12.75 19.79
N MET A 159 -17.07 -12.25 19.37
CA MET A 159 -15.95 -12.13 20.29
C MET A 159 -16.41 -11.34 21.51
N ASP A 160 -17.05 -10.21 21.26
CA ASP A 160 -17.47 -9.33 22.34
C ASP A 160 -18.40 -10.02 23.34
N GLN A 161 -19.28 -10.89 22.86
CA GLN A 161 -20.14 -11.66 23.74
C GLN A 161 -19.35 -12.67 24.55
N ASP A 162 -18.33 -13.24 23.92
CA ASP A 162 -17.53 -14.27 24.56
C ASP A 162 -16.62 -13.73 25.66
N LEU A 163 -16.49 -12.42 25.73
CA LEU A 163 -15.60 -11.81 26.71
C LEU A 163 -16.36 -11.10 27.81
N GLU A 164 -17.66 -11.37 27.91
CA GLU A 164 -18.47 -10.79 28.95
C GLU A 164 -17.81 -10.90 30.30
N LYS A 165 -17.60 -12.13 30.76
CA LYS A 165 -17.15 -12.34 32.13
C LYS A 165 -15.77 -12.97 32.15
N ARG A 166 -14.92 -12.53 31.23
CA ARG A 166 -13.61 -13.15 31.06
C ARG A 166 -12.49 -12.11 31.12
N LYS A 167 -11.42 -12.42 31.84
CA LYS A 167 -10.23 -11.59 31.74
C LYS A 167 -9.54 -11.73 30.38
N TRP A 168 -9.40 -12.96 29.92
CA TRP A 168 -8.69 -13.32 28.68
C TRP A 168 -9.56 -14.31 27.93
N CYS A 169 -9.23 -14.59 26.67
CA CYS A 169 -10.09 -15.43 25.84
C CYS A 169 -10.29 -16.86 26.35
N VAL A 170 -9.23 -17.52 26.77
CA VAL A 170 -9.37 -18.91 27.18
C VAL A 170 -8.80 -19.15 28.57
N ASN A 171 -9.52 -19.94 29.35
CA ASN A 171 -9.00 -20.49 30.58
C ASN A 171 -8.45 -19.49 31.59
N GLU A 172 -8.63 -18.23 31.24
CA GLU A 172 -8.15 -17.09 31.99
C GLU A 172 -6.64 -16.87 31.95
N SER A 173 -5.99 -17.27 30.85
CA SER A 173 -4.56 -17.04 30.71
C SER A 173 -4.15 -16.61 29.32
N PHE A 174 -3.26 -15.64 29.30
CA PHE A 174 -2.83 -15.01 28.09
C PHE A 174 -2.37 -16.07 27.10
N SER A 175 -3.02 -16.11 25.94
CA SER A 175 -2.64 -17.09 24.95
C SER A 175 -2.57 -16.48 23.56
N LEU A 176 -2.20 -17.32 22.59
CA LEU A 176 -2.28 -16.98 21.19
C LEU A 176 -3.62 -16.30 20.90
N ALA A 177 -4.69 -16.75 21.54
CA ALA A 177 -6.00 -16.17 21.30
C ALA A 177 -5.95 -14.65 21.43
N ASP A 178 -5.62 -14.20 22.64
CA ASP A 178 -5.51 -12.76 22.91
C ASP A 178 -4.62 -12.03 21.92
N ILE A 179 -3.46 -12.58 21.62
CA ILE A 179 -2.59 -11.95 20.67
C ILE A 179 -3.32 -11.75 19.34
N ALA A 180 -4.05 -12.78 18.93
CA ALA A 180 -4.68 -12.75 17.62
C ALA A 180 -5.77 -11.70 17.58
N VAL A 181 -6.53 -11.61 18.67
CA VAL A 181 -7.58 -10.62 18.78
C VAL A 181 -7.01 -9.19 18.81
N GLY A 182 -5.83 -9.03 19.38
CA GLY A 182 -5.17 -7.72 19.39
C GLY A 182 -4.74 -7.29 18.00
N CYS A 183 -3.98 -8.14 17.32
CA CYS A 183 -3.53 -7.85 15.97
C CYS A 183 -4.71 -7.53 15.05
N MET A 184 -5.80 -8.27 15.22
CA MET A 184 -7.04 -8.05 14.47
C MET A 184 -7.61 -6.64 14.64
N LEU A 185 -7.89 -6.28 15.90
CA LEU A 185 -8.38 -4.94 16.25
C LEU A 185 -7.46 -3.83 15.75
N GLY A 186 -6.16 -4.00 15.97
CA GLY A 186 -5.19 -3.02 15.53
C GLY A 186 -5.27 -2.88 14.02
N TYR A 187 -5.56 -3.97 13.34
CA TYR A 187 -5.71 -3.89 11.90
C TYR A 187 -6.91 -3.03 11.55
N LEU A 188 -8.02 -3.25 12.25
CA LEU A 188 -9.18 -2.41 12.03
C LEU A 188 -8.81 -0.94 12.17
N GLU A 189 -8.14 -0.61 13.27
CA GLU A 189 -7.77 0.79 13.49
C GLU A 189 -6.92 1.32 12.35
N LEU A 190 -5.99 0.51 11.88
CA LEU A 190 -5.11 0.94 10.80
C LEU A 190 -5.92 1.24 9.55
N ARG A 191 -6.87 0.38 9.23
CA ARG A 191 -7.51 0.46 7.92
C ARG A 191 -8.84 1.21 7.94
N TYR A 192 -9.42 1.35 9.12
CA TYR A 192 -10.72 2.01 9.23
C TYR A 192 -10.74 3.02 10.36
N GLN A 193 -10.21 4.21 10.09
CA GLN A 193 -10.16 5.28 11.08
C GLN A 193 -11.53 5.53 11.68
N HIS A 194 -12.57 5.42 10.85
CA HIS A 194 -13.91 5.83 11.24
C HIS A 194 -14.70 4.75 11.96
N LEU A 195 -14.16 3.54 12.03
CA LEU A 195 -14.80 2.49 12.83
C LEU A 195 -14.66 2.82 14.31
N ASP A 196 -15.79 3.02 14.97
CA ASP A 196 -15.77 3.28 16.41
C ASP A 196 -16.17 2.02 17.18
N TRP A 197 -15.30 1.01 17.11
CA TRP A 197 -15.59 -0.28 17.71
C TRP A 197 -15.54 -0.25 19.23
N LYS A 198 -14.51 0.41 19.77
CA LYS A 198 -14.30 0.45 21.21
C LYS A 198 -15.62 0.68 21.94
N GLN A 199 -16.38 1.65 21.48
CA GLN A 199 -17.62 2.04 22.12
C GLN A 199 -18.71 0.97 21.98
N GLN A 200 -18.76 0.34 20.81
CA GLN A 200 -19.80 -0.63 20.50
C GLN A 200 -19.52 -1.98 21.16
N TYR A 201 -18.24 -2.29 21.35
CA TYR A 201 -17.86 -3.57 21.94
C TYR A 201 -16.98 -3.32 23.15
N PRO A 202 -17.63 -3.11 24.31
CA PRO A 202 -16.91 -2.71 25.53
C PRO A 202 -15.94 -3.76 26.05
N ASN A 203 -16.33 -5.04 25.98
CA ASN A 203 -15.42 -6.11 26.38
C ASN A 203 -14.16 -6.13 25.51
N LEU A 204 -14.33 -5.94 24.22
CA LEU A 204 -13.20 -5.96 23.29
C LEU A 204 -12.26 -4.79 23.53
N ALA A 205 -12.83 -3.59 23.70
CA ALA A 205 -12.04 -2.41 24.00
C ALA A 205 -11.27 -2.59 25.31
N ARG A 206 -11.91 -3.18 26.31
CA ARG A 206 -11.23 -3.54 27.56
C ARG A 206 -10.08 -4.52 27.33
N HIS A 207 -10.30 -5.50 26.48
CA HIS A 207 -9.27 -6.47 26.14
C HIS A 207 -8.14 -5.73 25.43
N TYR A 208 -8.51 -4.90 24.47
CA TYR A 208 -7.54 -4.13 23.69
C TYR A 208 -6.75 -3.23 24.62
N ALA A 209 -7.39 -2.76 25.67
CA ALA A 209 -6.73 -1.95 26.68
C ALA A 209 -5.60 -2.75 27.31
N ALA A 210 -5.94 -3.87 27.94
CA ALA A 210 -4.93 -4.78 28.48
C ALA A 210 -3.78 -5.03 27.52
N MET A 211 -4.11 -5.35 26.26
CA MET A 211 -3.10 -5.64 25.23
C MET A 211 -2.17 -4.46 24.93
N MET A 212 -2.76 -3.27 24.80
CA MET A 212 -1.97 -2.06 24.57
C MET A 212 -0.94 -1.81 25.65
N LYS A 213 -1.06 -2.51 26.77
CA LYS A 213 -0.14 -2.32 27.90
C LYS A 213 1.08 -3.23 27.84
N ARG A 214 1.19 -4.02 26.78
CA ARG A 214 2.32 -4.90 26.61
C ARG A 214 3.28 -4.36 25.56
N ALA A 215 4.56 -4.30 25.91
CA ALA A 215 5.55 -3.84 24.97
C ALA A 215 5.46 -4.69 23.70
N SER A 216 5.45 -6.00 23.88
CA SER A 216 5.33 -6.91 22.74
C SER A 216 4.28 -6.33 21.80
N PHE A 217 3.07 -6.15 22.32
CA PHE A 217 1.98 -5.66 21.52
C PHE A 217 2.21 -4.22 21.04
N LYS A 218 2.35 -3.30 21.98
CA LYS A 218 2.49 -1.88 21.64
C LYS A 218 3.71 -1.60 20.78
N ASP A 219 4.77 -2.39 20.97
CA ASP A 219 6.01 -2.19 20.23
C ASP A 219 5.91 -2.58 18.77
N THR A 220 4.77 -3.13 18.37
CA THR A 220 4.63 -3.66 17.01
C THR A 220 3.46 -3.06 16.24
N ALA A 221 2.91 -1.95 16.73
CA ALA A 221 1.79 -1.30 16.05
C ALA A 221 2.10 -0.99 14.59
N PRO A 222 1.13 -1.26 13.71
CA PRO A 222 1.37 -0.94 12.30
C PRO A 222 1.62 0.55 12.13
N VAL A 223 2.27 0.89 11.03
CA VAL A 223 2.87 2.20 10.83
C VAL A 223 3.07 2.49 9.35
N ILE A 224 3.48 3.71 9.02
CA ILE A 224 3.81 4.07 7.65
C ILE A 224 2.61 4.63 6.90
N SER B 22 -24.30 -37.00 18.62
CA SER B 22 -23.11 -36.91 17.70
C SER B 22 -22.88 -35.54 17.05
N MET B 23 -21.87 -35.47 16.19
CA MET B 23 -21.45 -34.20 15.63
C MET B 23 -22.04 -33.94 14.26
N LYS B 24 -22.07 -32.67 13.87
CA LYS B 24 -22.67 -32.28 12.62
C LYS B 24 -21.61 -31.57 11.79
N LEU B 25 -21.41 -32.00 10.55
CA LEU B 25 -20.50 -31.29 9.67
C LEU B 25 -21.22 -30.54 8.56
N LEU B 26 -21.04 -29.22 8.52
CA LEU B 26 -21.57 -28.40 7.45
C LEU B 26 -20.54 -28.39 6.34
N TYR B 27 -20.96 -28.84 5.16
CA TYR B 27 -20.06 -28.94 4.03
C TYR B 27 -20.88 -28.68 2.75
N SER B 28 -20.18 -28.49 1.64
CA SER B 28 -20.85 -28.50 0.35
C SER B 28 -20.21 -29.52 -0.58
N ASN B 29 -20.86 -29.73 -1.72
CA ASN B 29 -20.41 -30.68 -2.71
C ASN B 29 -18.99 -30.37 -3.22
N THR B 30 -18.68 -29.09 -3.38
CA THR B 30 -17.43 -28.72 -4.04
C THR B 30 -16.32 -28.18 -3.14
N SER B 31 -16.64 -27.80 -1.91
CA SER B 31 -15.65 -27.20 -1.07
C SER B 31 -14.48 -28.17 -0.81
N PRO B 32 -13.27 -27.79 -1.24
CA PRO B 32 -12.11 -28.61 -0.98
C PRO B 32 -11.65 -28.48 0.48
N TYR B 33 -11.93 -27.35 1.10
CA TYR B 33 -11.64 -27.20 2.52
C TYR B 33 -12.47 -28.19 3.32
N ALA B 34 -13.71 -28.38 2.90
CA ALA B 34 -14.59 -29.28 3.62
C ALA B 34 -14.28 -30.74 3.28
N ARG B 35 -13.83 -30.98 2.03
CA ARG B 35 -13.49 -32.33 1.58
C ARG B 35 -12.33 -32.84 2.41
N LYS B 36 -11.54 -31.91 2.93
CA LYS B 36 -10.35 -32.23 3.70
C LYS B 36 -10.75 -32.82 5.05
N VAL B 37 -11.70 -32.18 5.72
CA VAL B 37 -12.28 -32.69 6.96
C VAL B 37 -13.00 -34.02 6.73
N ARG B 38 -13.77 -34.12 5.64
CA ARG B 38 -14.49 -35.34 5.31
C ARG B 38 -13.53 -36.51 5.15
N VAL B 39 -12.47 -36.29 4.38
CA VAL B 39 -11.40 -37.27 4.21
C VAL B 39 -10.76 -37.68 5.54
N VAL B 40 -10.48 -36.70 6.39
CA VAL B 40 -9.97 -37.00 7.72
C VAL B 40 -10.95 -37.88 8.50
N ALA B 41 -12.19 -37.46 8.57
CA ALA B 41 -13.22 -38.19 9.29
C ALA B 41 -13.33 -39.63 8.81
N ALA B 42 -13.30 -39.81 7.49
CA ALA B 42 -13.34 -41.13 6.89
C ALA B 42 -12.07 -41.89 7.26
N GLU B 43 -10.92 -41.29 6.97
CA GLU B 43 -9.66 -41.89 7.36
C GLU B 43 -9.69 -42.36 8.83
N LYS B 44 -10.24 -41.52 9.70
CA LYS B 44 -10.27 -41.77 11.13
C LYS B 44 -11.40 -42.70 11.55
N ARG B 45 -12.25 -43.07 10.59
CA ARG B 45 -13.41 -43.88 10.87
C ARG B 45 -14.38 -43.20 11.85
N ILE B 46 -14.57 -41.90 11.67
CA ILE B 46 -15.51 -41.15 12.51
C ILE B 46 -16.84 -40.88 11.80
N ASP B 47 -17.95 -41.19 12.47
CA ASP B 47 -19.27 -41.08 11.87
C ASP B 47 -19.94 -39.71 12.10
N VAL B 48 -19.59 -38.74 11.27
CA VAL B 48 -20.16 -37.40 11.38
C VAL B 48 -21.50 -37.27 10.65
N ASP B 49 -22.49 -36.68 11.32
CA ASP B 49 -23.74 -36.32 10.65
C ASP B 49 -23.44 -35.22 9.64
N MET B 50 -23.71 -35.48 8.37
CA MET B 50 -23.27 -34.63 7.28
C MET B 50 -24.40 -33.66 6.93
N VAL B 51 -24.12 -32.36 6.90
CA VAL B 51 -25.16 -31.36 6.66
C VAL B 51 -24.87 -30.55 5.40
N LEU B 52 -25.62 -30.82 4.34
CA LEU B 52 -25.33 -30.19 3.07
C LEU B 52 -25.70 -28.74 3.03
N VAL B 53 -24.76 -27.96 2.55
CA VAL B 53 -24.97 -26.54 2.35
C VAL B 53 -24.88 -26.32 0.86
N VAL B 54 -25.72 -25.44 0.33
CA VAL B 54 -25.70 -25.15 -1.10
C VAL B 54 -25.36 -23.70 -1.37
N LEU B 55 -24.69 -23.45 -2.49
CA LEU B 55 -24.07 -22.16 -2.78
C LEU B 55 -25.07 -20.99 -2.83
N ALA B 56 -26.29 -21.28 -3.24
CA ALA B 56 -27.33 -20.26 -3.26
C ALA B 56 -27.89 -20.00 -1.85
N ASP B 57 -27.62 -20.91 -0.92
CA ASP B 57 -28.14 -20.81 0.44
C ASP B 57 -27.96 -19.43 1.06
N PRO B 58 -28.86 -19.04 1.98
CA PRO B 58 -28.69 -17.82 2.77
C PRO B 58 -27.59 -17.96 3.83
N GLU B 59 -27.33 -16.87 4.54
CA GLU B 59 -26.23 -16.82 5.52
C GLU B 59 -26.30 -17.94 6.55
N CYS B 60 -27.43 -18.08 7.21
CA CYS B 60 -27.66 -19.20 8.11
C CYS B 60 -28.20 -20.35 7.28
N PRO B 61 -28.08 -21.59 7.80
CA PRO B 61 -27.62 -21.89 9.15
C PRO B 61 -26.12 -21.76 9.39
N VAL B 62 -25.32 -21.59 8.34
CA VAL B 62 -23.88 -21.47 8.54
C VAL B 62 -23.52 -20.37 9.54
N ALA B 63 -23.91 -19.13 9.24
CA ALA B 63 -23.54 -17.98 10.06
C ALA B 63 -23.94 -18.17 11.52
N ASP B 64 -24.92 -19.03 11.76
CA ASP B 64 -25.35 -19.32 13.12
C ASP B 64 -24.27 -19.96 13.94
N HIS B 65 -23.41 -20.72 13.27
CA HIS B 65 -22.42 -21.53 13.97
C HIS B 65 -20.98 -21.11 13.67
N ASN B 66 -20.80 -20.35 12.59
CA ASN B 66 -19.51 -19.76 12.26
C ASN B 66 -19.73 -18.31 11.85
N PRO B 67 -19.36 -17.38 12.72
CA PRO B 67 -19.62 -15.98 12.48
C PRO B 67 -19.10 -15.52 11.12
N LEU B 68 -18.06 -16.19 10.62
CA LEU B 68 -17.48 -15.85 9.32
C LEU B 68 -18.33 -16.40 8.18
N GLY B 69 -19.34 -17.20 8.53
CA GLY B 69 -20.24 -17.76 7.55
C GLY B 69 -19.52 -18.54 6.47
N LYS B 70 -18.52 -19.32 6.88
CA LYS B 70 -17.75 -20.11 5.94
C LYS B 70 -17.89 -21.60 6.26
N ILE B 71 -17.74 -22.40 5.22
CA ILE B 71 -17.77 -23.84 5.36
C ILE B 71 -16.33 -24.28 5.13
N PRO B 72 -15.90 -25.36 5.82
CA PRO B 72 -16.67 -26.26 6.70
C PRO B 72 -16.75 -25.80 8.14
N VAL B 73 -17.74 -26.30 8.86
CA VAL B 73 -17.83 -26.07 10.29
C VAL B 73 -18.38 -27.30 11.02
N LEU B 74 -17.70 -27.70 12.10
CA LEU B 74 -18.12 -28.86 12.87
C LEU B 74 -18.88 -28.41 14.11
N ILE B 75 -20.04 -29.00 14.35
CA ILE B 75 -20.81 -28.71 15.54
C ILE B 75 -20.72 -29.90 16.48
N LEU B 76 -20.51 -29.64 17.77
CA LEU B 76 -20.30 -30.71 18.73
C LEU B 76 -21.53 -30.79 19.58
N PRO B 77 -21.76 -31.96 20.20
CA PRO B 77 -22.92 -32.19 21.05
C PRO B 77 -22.93 -31.18 22.18
N ASP B 78 -21.97 -30.27 22.14
CA ASP B 78 -21.99 -29.11 23.02
C ASP B 78 -22.77 -27.99 22.36
N GLY B 79 -23.15 -28.20 21.11
CA GLY B 79 -23.71 -27.13 20.29
C GLY B 79 -22.55 -26.26 19.87
N GLU B 80 -21.48 -26.27 20.66
CA GLU B 80 -20.25 -25.55 20.34
C GLU B 80 -19.85 -25.80 18.89
N SER B 81 -19.29 -24.79 18.24
CA SER B 81 -18.89 -24.92 16.85
C SER B 81 -17.40 -24.65 16.70
N LEU B 82 -16.77 -25.43 15.83
CA LEU B 82 -15.35 -25.31 15.50
C LEU B 82 -15.12 -25.02 14.03
N TYR B 83 -14.25 -24.08 13.75
CA TYR B 83 -13.85 -23.70 12.41
C TYR B 83 -12.48 -23.10 12.60
N ASP B 84 -11.65 -22.98 11.57
CA ASP B 84 -11.89 -23.38 10.21
C ASP B 84 -11.41 -24.79 10.04
N SER B 85 -11.07 -25.19 8.82
CA SER B 85 -10.67 -26.57 8.55
C SER B 85 -9.45 -27.01 9.34
N ARG B 86 -8.49 -26.13 9.53
CA ARG B 86 -7.30 -26.46 10.28
C ARG B 86 -7.60 -26.78 11.75
N VAL B 87 -8.50 -26.03 12.37
CA VAL B 87 -8.93 -26.30 13.74
C VAL B 87 -9.71 -27.62 13.84
N ILE B 88 -10.52 -27.89 12.82
CA ILE B 88 -11.44 -29.03 12.85
C ILE B 88 -10.66 -30.31 12.74
N VAL B 89 -9.73 -30.33 11.80
CA VAL B 89 -8.96 -31.53 11.57
C VAL B 89 -8.14 -31.86 12.79
N GLU B 90 -7.64 -30.86 13.47
CA GLU B 90 -6.88 -31.14 14.68
C GLU B 90 -7.79 -31.70 15.77
N TYR B 91 -8.99 -31.16 15.88
CA TYR B 91 -9.90 -31.73 16.85
C TYR B 91 -10.29 -33.14 16.44
N LEU B 92 -10.58 -33.34 15.16
CA LEU B 92 -10.91 -34.69 14.70
C LEU B 92 -9.78 -35.71 14.97
N ASP B 93 -8.53 -35.32 14.72
CA ASP B 93 -7.41 -36.26 14.83
C ASP B 93 -7.13 -36.76 16.26
N HIS B 94 -7.50 -35.95 17.25
CA HIS B 94 -7.31 -36.33 18.66
C HIS B 94 -8.51 -37.13 19.15
N ARG B 95 -9.49 -37.35 18.28
CA ARG B 95 -10.66 -38.12 18.69
C ARG B 95 -10.34 -39.62 18.75
N THR B 96 -9.67 -40.13 17.73
CA THR B 96 -9.25 -41.52 17.70
C THR B 96 -7.74 -41.63 17.87
N PRO B 97 -7.31 -42.04 19.07
CA PRO B 97 -5.90 -42.01 19.47
C PRO B 97 -5.02 -42.95 18.64
N VAL B 98 -5.49 -44.17 18.45
CA VAL B 98 -4.66 -45.25 17.91
C VAL B 98 -3.94 -44.92 16.60
N ALA B 99 -4.39 -43.86 15.93
CA ALA B 99 -3.80 -43.52 14.64
C ALA B 99 -3.88 -42.01 14.34
N HIS B 100 -2.73 -41.37 14.18
CA HIS B 100 -2.69 -39.92 14.01
C HIS B 100 -2.36 -39.51 12.57
N LEU B 101 -3.11 -38.54 12.06
CA LEU B 101 -2.86 -38.01 10.73
C LEU B 101 -2.01 -36.76 10.88
N ILE B 102 -1.96 -36.28 12.11
CA ILE B 102 -1.00 -35.26 12.50
C ILE B 102 -0.04 -35.86 13.53
N PRO B 103 1.28 -35.85 13.22
CA PRO B 103 2.31 -36.36 14.12
C PRO B 103 2.27 -35.73 15.50
N GLN B 104 2.37 -36.58 16.53
CA GLN B 104 2.42 -36.14 17.91
C GLN B 104 3.74 -35.44 18.20
N ASP B 105 4.75 -35.75 17.39
CA ASP B 105 6.07 -35.17 17.63
C ASP B 105 6.22 -33.79 16.97
N HIS B 106 6.72 -32.84 17.75
CA HIS B 106 6.75 -31.46 17.34
C HIS B 106 7.33 -31.26 15.95
N THR B 107 8.46 -31.88 15.65
CA THR B 107 9.10 -31.60 14.37
C THR B 107 8.25 -32.08 13.18
N ALA B 108 7.73 -33.30 13.27
CA ALA B 108 6.91 -33.86 12.20
C ALA B 108 5.56 -33.16 12.13
N LYS B 109 5.08 -32.69 13.27
CA LYS B 109 3.85 -31.93 13.33
C LYS B 109 4.00 -30.64 12.53
N ILE B 110 5.07 -29.90 12.82
CA ILE B 110 5.31 -28.65 12.12
C ILE B 110 5.41 -28.85 10.61
N ALA B 111 6.13 -29.89 10.17
CA ALA B 111 6.37 -30.09 8.72
C ALA B 111 5.06 -30.43 7.98
N VAL B 112 4.16 -31.12 8.69
CA VAL B 112 2.87 -31.49 8.15
C VAL B 112 1.97 -30.27 8.02
N ARG B 113 1.90 -29.48 9.09
CA ARG B 113 1.09 -28.29 9.13
C ARG B 113 1.56 -27.36 8.00
N ARG B 114 2.86 -27.34 7.77
CA ARG B 114 3.41 -26.49 6.74
C ARG B 114 3.08 -26.98 5.32
N TRP B 115 3.01 -28.28 5.10
CA TRP B 115 2.48 -28.79 3.82
C TRP B 115 1.02 -28.36 3.66
N GLU B 116 0.24 -28.51 4.74
CA GLU B 116 -1.16 -28.13 4.70
C GLU B 116 -1.31 -26.65 4.35
N ALA B 117 -0.55 -25.81 5.05
CA ALA B 117 -0.51 -24.38 4.77
C ALA B 117 -0.20 -24.09 3.31
N LEU B 118 0.69 -24.86 2.73
CA LEU B 118 1.06 -24.57 1.35
C LEU B 118 -0.05 -24.99 0.41
N ALA B 119 -0.71 -26.09 0.75
CA ALA B 119 -1.77 -26.64 -0.09
C ALA B 119 -3.02 -25.78 0.00
N ASP B 120 -3.38 -25.39 1.22
CA ASP B 120 -4.50 -24.52 1.44
C ASP B 120 -4.27 -23.21 0.69
N GLY B 121 -3.03 -22.76 0.66
CA GLY B 121 -2.70 -21.47 0.10
C GLY B 121 -2.82 -21.54 -1.41
N VAL B 122 -2.52 -22.69 -1.99
CA VAL B 122 -2.67 -22.83 -3.44
C VAL B 122 -4.15 -22.91 -3.81
N THR B 123 -4.90 -23.67 -3.02
CA THR B 123 -6.35 -23.67 -3.13
C THR B 123 -6.90 -22.24 -3.05
N ASP B 124 -6.46 -21.48 -2.04
CA ASP B 124 -6.82 -20.06 -1.93
C ASP B 124 -6.65 -19.31 -3.25
N ALA B 125 -5.44 -19.32 -3.78
CA ALA B 125 -5.14 -18.59 -5.00
C ALA B 125 -6.02 -19.07 -6.15
N ALA B 126 -6.32 -20.37 -6.15
CA ALA B 126 -7.04 -20.98 -7.27
C ALA B 126 -8.49 -20.58 -7.20
N VAL B 127 -9.01 -20.54 -5.99
CA VAL B 127 -10.40 -20.14 -5.74
C VAL B 127 -10.56 -18.66 -6.07
N ALA B 128 -9.55 -17.87 -5.73
CA ALA B 128 -9.63 -16.44 -5.98
C ALA B 128 -9.73 -16.19 -7.46
N ALA B 129 -8.89 -16.86 -8.25
CA ALA B 129 -8.90 -16.64 -9.69
C ALA B 129 -10.26 -17.06 -10.27
N VAL B 130 -10.77 -18.20 -9.84
CA VAL B 130 -12.12 -18.58 -10.22
C VAL B 130 -13.07 -17.45 -9.89
N MET B 131 -13.00 -16.94 -8.66
CA MET B 131 -13.86 -15.83 -8.24
C MET B 131 -13.69 -14.57 -9.10
N GLU B 132 -12.47 -14.29 -9.52
CA GLU B 132 -12.21 -13.13 -10.38
C GLU B 132 -12.76 -13.34 -11.78
N GLY B 133 -12.93 -14.60 -12.14
CA GLY B 133 -13.49 -14.97 -13.44
C GLY B 133 -15.00 -15.04 -13.38
N ARG B 134 -15.54 -15.03 -12.16
CA ARG B 134 -16.98 -14.97 -11.96
C ARG B 134 -17.49 -13.53 -11.83
N ARG B 135 -16.59 -12.56 -12.00
CA ARG B 135 -16.97 -11.16 -11.91
C ARG B 135 -17.56 -10.72 -13.22
N PRO B 136 -18.43 -9.69 -13.19
CA PRO B 136 -18.88 -9.11 -14.44
C PRO B 136 -17.66 -8.91 -15.33
N GLU B 137 -17.71 -9.44 -16.56
CA GLU B 137 -16.60 -9.27 -17.50
C GLU B 137 -16.09 -7.84 -17.41
N GLY B 138 -16.98 -6.96 -16.97
CA GLY B 138 -16.74 -5.53 -16.97
C GLY B 138 -15.91 -5.10 -15.77
N MET B 139 -15.81 -5.97 -14.77
CA MET B 139 -15.08 -5.64 -13.56
C MET B 139 -14.03 -6.69 -13.23
N GLN B 140 -13.44 -7.29 -14.26
CA GLN B 140 -12.38 -8.26 -14.07
C GLN B 140 -11.04 -7.56 -14.07
N ASP B 141 -10.19 -7.92 -13.13
CA ASP B 141 -8.87 -7.31 -13.06
C ASP B 141 -7.86 -8.26 -13.64
N SER B 142 -7.21 -7.84 -14.72
CA SER B 142 -6.28 -8.70 -15.42
C SER B 142 -5.15 -9.08 -14.50
N ALA B 143 -4.69 -8.12 -13.73
CA ALA B 143 -3.54 -8.32 -12.88
C ALA B 143 -3.80 -9.41 -11.84
N VAL B 144 -5.02 -9.42 -11.29
CA VAL B 144 -5.33 -10.36 -10.24
C VAL B 144 -5.25 -11.81 -10.67
N ILE B 145 -5.80 -12.16 -11.83
CA ILE B 145 -5.77 -13.55 -12.27
C ILE B 145 -4.38 -14.09 -12.61
N GLU B 146 -3.62 -13.34 -13.40
CA GLU B 146 -2.21 -13.61 -13.58
C GLU B 146 -1.65 -13.90 -12.20
N LYS B 147 -1.71 -12.87 -11.36
CA LYS B 147 -1.12 -12.89 -10.04
C LYS B 147 -1.49 -14.15 -9.23
N GLN B 148 -2.73 -14.60 -9.29
CA GLN B 148 -3.11 -15.78 -8.50
C GLN B 148 -2.59 -17.10 -9.09
N LEU B 149 -2.77 -17.26 -10.41
CA LEU B 149 -2.27 -18.41 -11.15
C LEU B 149 -0.80 -18.65 -10.89
N ASN B 150 0.02 -17.63 -11.17
CA ASN B 150 1.44 -17.68 -10.84
C ASN B 150 1.68 -18.31 -9.48
N LYS B 151 0.92 -17.85 -8.49
CA LYS B 151 0.99 -18.43 -7.16
C LYS B 151 0.78 -19.94 -7.24
N VAL B 152 -0.19 -20.35 -8.06
CA VAL B 152 -0.55 -21.75 -8.20
C VAL B 152 0.63 -22.60 -8.68
N GLU B 153 1.18 -22.24 -9.83
CA GLU B 153 2.31 -22.96 -10.40
C GLU B 153 3.52 -23.00 -9.48
N ARG B 154 3.82 -21.88 -8.84
CA ARG B 154 4.88 -21.85 -7.85
C ARG B 154 4.58 -22.81 -6.71
N GLY B 155 3.32 -22.87 -6.29
CA GLY B 155 2.93 -23.79 -5.23
C GLY B 155 3.12 -25.22 -5.70
N LEU B 156 2.73 -25.47 -6.96
CA LEU B 156 2.84 -26.80 -7.55
C LEU B 156 4.30 -27.18 -7.82
N ARG B 157 5.07 -26.26 -8.39
CA ARG B 157 6.47 -26.57 -8.66
C ARG B 157 7.16 -26.99 -7.37
N ARG B 158 7.08 -26.15 -6.36
CA ARG B 158 7.67 -26.48 -5.07
C ARG B 158 7.22 -27.87 -4.61
N MET B 159 5.91 -28.08 -4.58
CA MET B 159 5.32 -29.32 -4.07
C MET B 159 5.73 -30.56 -4.83
N ASP B 160 5.96 -30.43 -6.13
CA ASP B 160 6.31 -31.56 -6.98
C ASP B 160 7.78 -31.91 -6.88
N GLN B 161 8.57 -31.02 -6.31
CA GLN B 161 9.98 -31.30 -6.12
C GLN B 161 10.13 -31.89 -4.74
N ASP B 162 9.43 -31.30 -3.77
CA ASP B 162 9.42 -31.81 -2.42
C ASP B 162 9.04 -33.30 -2.38
N LEU B 163 8.32 -33.76 -3.38
CA LEU B 163 7.94 -35.18 -3.44
C LEU B 163 8.83 -36.01 -4.38
N GLU B 164 9.96 -35.45 -4.79
CA GLU B 164 10.75 -36.04 -5.86
C GLU B 164 11.16 -37.51 -5.64
N LYS B 165 11.43 -37.88 -4.41
CA LYS B 165 11.85 -39.25 -4.13
C LYS B 165 11.05 -39.83 -2.98
N ARG B 166 9.78 -39.48 -2.92
CA ARG B 166 8.97 -39.89 -1.79
C ARG B 166 7.60 -40.37 -2.23
N LYS B 167 6.92 -41.05 -1.30
CA LYS B 167 5.59 -41.60 -1.54
C LYS B 167 4.57 -40.70 -0.85
N TRP B 168 4.74 -40.55 0.46
CA TRP B 168 3.94 -39.60 1.22
C TRP B 168 4.77 -38.34 1.53
N CYS B 169 4.09 -37.29 1.96
CA CYS B 169 4.75 -36.00 2.16
C CYS B 169 5.78 -36.01 3.30
N VAL B 170 5.43 -36.56 4.44
CA VAL B 170 6.28 -36.47 5.61
C VAL B 170 6.67 -37.84 6.13
N ASN B 171 7.96 -38.06 6.38
CA ASN B 171 8.45 -39.31 6.94
C ASN B 171 7.85 -40.53 6.25
N GLU B 172 7.67 -40.44 4.94
CA GLU B 172 7.11 -41.55 4.18
C GLU B 172 5.94 -42.24 4.89
N SER B 173 5.12 -41.48 5.62
CA SER B 173 3.89 -42.05 6.18
C SER B 173 2.67 -41.13 6.02
N PHE B 174 1.56 -41.73 5.58
CA PHE B 174 0.33 -41.01 5.24
C PHE B 174 -0.12 -40.07 6.35
N SER B 175 -0.32 -38.80 6.01
CA SER B 175 -0.70 -37.81 7.01
C SER B 175 -1.69 -36.80 6.48
N LEU B 176 -2.10 -35.87 7.34
CA LEU B 176 -2.90 -34.74 6.92
C LEU B 176 -2.30 -34.03 5.69
N ALA B 177 -0.98 -33.96 5.62
CA ALA B 177 -0.33 -33.27 4.50
C ALA B 177 -0.76 -33.89 3.17
N ASP B 178 -0.82 -35.21 3.11
CA ASP B 178 -1.18 -35.93 1.89
C ASP B 178 -2.64 -35.63 1.51
N ILE B 179 -3.51 -35.65 2.50
CA ILE B 179 -4.91 -35.32 2.30
C ILE B 179 -5.01 -33.91 1.72
N ALA B 180 -4.38 -32.95 2.38
CA ALA B 180 -4.43 -31.59 1.89
C ALA B 180 -3.99 -31.52 0.43
N VAL B 181 -2.82 -32.08 0.12
CA VAL B 181 -2.32 -32.05 -1.25
C VAL B 181 -3.37 -32.61 -2.21
N GLY B 182 -4.07 -33.65 -1.77
CA GLY B 182 -5.05 -34.30 -2.63
C GLY B 182 -6.25 -33.42 -2.96
N CYS B 183 -6.84 -32.82 -1.93
CA CYS B 183 -8.02 -31.99 -2.12
C CYS B 183 -7.71 -30.81 -3.01
N MET B 184 -6.52 -30.26 -2.82
CA MET B 184 -6.04 -29.14 -3.58
C MET B 184 -6.09 -29.46 -5.06
N LEU B 185 -5.37 -30.53 -5.44
CA LEU B 185 -5.37 -30.99 -6.81
C LEU B 185 -6.78 -31.38 -7.25
N GLY B 186 -7.53 -32.00 -6.36
CA GLY B 186 -8.92 -32.30 -6.64
C GLY B 186 -9.62 -31.03 -7.11
N TYR B 187 -9.37 -29.94 -6.40
CA TYR B 187 -10.03 -28.68 -6.75
C TYR B 187 -9.61 -28.23 -8.15
N LEU B 188 -8.33 -28.40 -8.48
CA LEU B 188 -7.85 -28.08 -9.83
C LEU B 188 -8.41 -29.06 -10.85
N GLU B 189 -8.87 -30.21 -10.36
CA GLU B 189 -9.48 -31.20 -11.24
C GLU B 189 -10.81 -30.66 -11.67
N LEU B 190 -11.39 -29.85 -10.81
CA LEU B 190 -12.74 -29.35 -11.00
C LEU B 190 -12.75 -28.08 -11.87
N ARG B 191 -11.79 -27.20 -11.62
CA ARG B 191 -11.87 -25.83 -12.11
C ARG B 191 -10.77 -25.43 -13.06
N TYR B 192 -9.78 -26.30 -13.27
CA TYR B 192 -8.69 -25.98 -14.16
C TYR B 192 -8.33 -27.13 -15.09
N GLN B 193 -9.22 -27.44 -16.01
CA GLN B 193 -8.94 -28.51 -16.93
C GLN B 193 -7.71 -28.15 -17.73
N HIS B 194 -7.65 -26.89 -18.14
CA HIS B 194 -6.71 -26.47 -19.17
C HIS B 194 -5.31 -26.77 -18.73
N LEU B 195 -5.04 -26.61 -17.44
CA LEU B 195 -3.74 -26.98 -16.95
C LEU B 195 -3.54 -28.47 -17.15
N ASP B 196 -2.39 -28.78 -17.71
CA ASP B 196 -1.85 -30.13 -17.82
C ASP B 196 -0.75 -30.35 -16.78
N TRP B 197 -1.17 -30.46 -15.52
CA TRP B 197 -0.24 -30.56 -14.41
C TRP B 197 0.23 -31.98 -14.11
N LYS B 198 -0.64 -32.96 -14.34
CA LYS B 198 -0.22 -34.35 -14.24
C LYS B 198 0.94 -34.54 -15.20
N GLN B 199 1.20 -33.51 -16.01
CA GLN B 199 2.26 -33.58 -17.00
C GLN B 199 3.55 -32.88 -16.57
N GLN B 200 3.41 -31.72 -15.93
CA GLN B 200 4.57 -30.97 -15.48
C GLN B 200 4.98 -31.36 -14.07
N TYR B 201 4.08 -32.01 -13.36
CA TYR B 201 4.32 -32.34 -11.96
C TYR B 201 4.07 -33.83 -11.68
N PRO B 202 4.89 -34.67 -12.31
CA PRO B 202 4.85 -36.12 -12.26
C PRO B 202 4.64 -36.62 -10.84
N ASN B 203 5.48 -36.16 -9.92
CA ASN B 203 5.35 -36.56 -8.53
C ASN B 203 3.96 -36.28 -7.97
N LEU B 204 3.39 -35.12 -8.29
CA LEU B 204 2.02 -34.82 -7.90
C LEU B 204 1.07 -35.81 -8.55
N ALA B 205 1.31 -36.10 -9.82
CA ALA B 205 0.52 -37.11 -10.53
C ALA B 205 0.50 -38.42 -9.75
N ARG B 206 1.67 -38.93 -9.39
CA ARG B 206 1.76 -40.17 -8.63
C ARG B 206 0.99 -40.08 -7.32
N HIS B 207 1.11 -38.93 -6.66
CA HIS B 207 0.53 -38.77 -5.35
C HIS B 207 -0.98 -38.85 -5.45
N TYR B 208 -1.48 -38.26 -6.53
CA TYR B 208 -2.91 -38.14 -6.78
C TYR B 208 -3.52 -39.52 -7.03
N ALA B 209 -2.91 -40.28 -7.92
CA ALA B 209 -3.38 -41.63 -8.21
C ALA B 209 -3.43 -42.48 -6.94
N ALA B 210 -2.39 -42.37 -6.12
CA ALA B 210 -2.36 -43.09 -4.85
C ALA B 210 -3.47 -42.60 -3.93
N MET B 211 -3.69 -41.30 -3.92
CA MET B 211 -4.82 -40.71 -3.20
C MET B 211 -6.11 -41.22 -3.82
N MET B 212 -6.23 -41.12 -5.14
CA MET B 212 -7.44 -41.56 -5.82
C MET B 212 -7.86 -42.96 -5.37
N LYS B 213 -6.88 -43.86 -5.27
CA LYS B 213 -7.14 -45.25 -4.91
C LYS B 213 -7.70 -45.43 -3.49
N ARG B 214 -7.81 -44.35 -2.73
CA ARG B 214 -8.30 -44.46 -1.36
C ARG B 214 -9.80 -44.23 -1.26
N ALA B 215 -10.50 -45.13 -0.58
CA ALA B 215 -11.93 -45.00 -0.43
C ALA B 215 -12.27 -43.63 0.13
N SER B 216 -11.68 -43.26 1.26
CA SER B 216 -11.93 -41.97 1.87
C SER B 216 -11.92 -40.83 0.83
N PHE B 217 -11.03 -40.94 -0.14
CA PHE B 217 -10.83 -39.85 -1.09
C PHE B 217 -11.82 -39.87 -2.24
N LYS B 218 -12.14 -41.04 -2.76
CA LYS B 218 -13.02 -41.12 -3.91
C LYS B 218 -14.49 -40.99 -3.51
N ASP B 219 -14.81 -41.30 -2.26
CA ASP B 219 -16.19 -41.13 -1.79
C ASP B 219 -16.51 -39.65 -1.56
N THR B 220 -15.47 -38.82 -1.52
CA THR B 220 -15.63 -37.40 -1.19
C THR B 220 -15.41 -36.49 -2.39
N ALA B 221 -15.23 -37.08 -3.57
CA ALA B 221 -15.05 -36.29 -4.78
C ALA B 221 -16.34 -35.53 -5.12
N PRO B 222 -16.19 -34.39 -5.80
CA PRO B 222 -17.35 -33.59 -6.20
C PRO B 222 -18.30 -34.35 -7.11
N VAL B 223 -19.58 -34.39 -6.75
CA VAL B 223 -20.61 -34.93 -7.64
C VAL B 223 -20.87 -33.89 -8.72
N ILE B 224 -20.95 -34.35 -9.97
CA ILE B 224 -21.24 -33.47 -11.09
C ILE B 224 -22.39 -33.99 -11.94
N SER C 22 19.17 -2.13 1.44
CA SER C 22 19.49 -1.07 0.44
C SER C 22 18.26 -0.21 0.12
N MET C 23 18.46 0.79 -0.73
CA MET C 23 17.37 1.70 -1.10
C MET C 23 16.41 1.09 -2.10
N LYS C 24 15.15 1.51 -2.04
CA LYS C 24 14.11 0.97 -2.92
C LYS C 24 13.32 2.07 -3.58
N LEU C 25 13.22 2.01 -4.90
CA LEU C 25 12.42 2.97 -5.65
C LEU C 25 11.20 2.29 -6.27
N LEU C 26 10.05 2.43 -5.63
CA LEU C 26 8.82 1.99 -6.26
C LEU C 26 8.58 2.82 -7.53
N TYR C 27 8.52 2.17 -8.69
CA TYR C 27 8.26 2.87 -9.95
C TYR C 27 7.37 2.05 -10.86
N SER C 28 7.00 2.63 -12.01
CA SER C 28 6.31 1.87 -13.05
C SER C 28 6.95 2.10 -14.42
N ASN C 29 6.64 1.23 -15.36
CA ASN C 29 7.19 1.36 -16.71
C ASN C 29 6.93 2.71 -17.37
N THR C 30 5.80 3.32 -17.07
CA THR C 30 5.36 4.45 -17.87
C THR C 30 5.51 5.83 -17.23
N SER C 31 5.58 5.90 -15.91
CA SER C 31 5.61 7.20 -15.23
C SER C 31 6.87 8.03 -15.53
N PRO C 32 6.68 9.20 -16.15
CA PRO C 32 7.82 10.05 -16.50
C PRO C 32 8.41 10.71 -15.25
N TYR C 33 7.61 10.82 -14.19
CA TYR C 33 8.10 11.30 -12.90
C TYR C 33 9.10 10.30 -12.31
N ALA C 34 8.69 9.04 -12.21
CA ALA C 34 9.57 8.02 -11.66
C ALA C 34 10.80 7.87 -12.54
N ARG C 35 10.59 8.02 -13.84
CA ARG C 35 11.72 7.95 -14.75
C ARG C 35 12.73 9.07 -14.49
N LYS C 36 12.23 10.25 -14.15
CA LYS C 36 13.11 11.37 -13.84
C LYS C 36 14.03 10.96 -12.68
N VAL C 37 13.45 10.27 -11.70
CA VAL C 37 14.25 9.75 -10.60
C VAL C 37 15.22 8.65 -11.05
N ARG C 38 14.74 7.73 -11.87
CA ARG C 38 15.59 6.65 -12.36
C ARG C 38 16.80 7.24 -13.10
N VAL C 39 16.56 8.22 -13.95
CA VAL C 39 17.65 8.79 -14.74
C VAL C 39 18.68 9.45 -13.83
N VAL C 40 18.22 9.98 -12.69
CA VAL C 40 19.11 10.66 -11.78
C VAL C 40 20.01 9.70 -11.02
N ALA C 41 19.45 8.59 -10.53
CA ALA C 41 20.27 7.56 -9.88
C ALA C 41 21.33 6.98 -10.82
N ALA C 42 20.93 6.69 -12.05
CA ALA C 42 21.89 6.18 -13.02
C ALA C 42 23.03 7.18 -13.18
N GLU C 43 22.69 8.43 -13.42
CA GLU C 43 23.68 9.45 -13.64
C GLU C 43 24.55 9.59 -12.40
N LYS C 44 23.95 9.46 -11.24
CA LYS C 44 24.69 9.54 -9.98
C LYS C 44 25.53 8.31 -9.70
N ARG C 45 25.27 7.24 -10.42
CA ARG C 45 25.92 5.96 -10.15
C ARG C 45 25.52 5.46 -8.77
N ILE C 46 24.25 5.62 -8.44
CA ILE C 46 23.77 5.22 -7.14
C ILE C 46 23.20 3.82 -7.10
N ASP C 47 23.52 3.09 -6.05
CA ASP C 47 22.97 1.75 -5.85
C ASP C 47 21.53 1.88 -5.41
N VAL C 48 20.59 1.68 -6.33
CA VAL C 48 19.19 1.72 -5.96
C VAL C 48 18.44 0.46 -6.39
N ASP C 49 17.91 -0.24 -5.39
CA ASP C 49 17.01 -1.36 -5.59
C ASP C 49 15.75 -0.89 -6.33
N MET C 50 15.65 -1.17 -7.61
CA MET C 50 14.50 -0.74 -8.37
C MET C 50 13.35 -1.71 -8.17
N VAL C 51 12.18 -1.21 -7.82
CA VAL C 51 11.02 -2.07 -7.61
C VAL C 51 9.84 -1.70 -8.51
N LEU C 52 9.66 -2.45 -9.58
CA LEU C 52 8.55 -2.22 -10.50
C LEU C 52 7.22 -2.48 -9.79
N VAL C 53 6.30 -1.55 -9.93
CA VAL C 53 4.99 -1.67 -9.26
C VAL C 53 3.87 -1.58 -10.28
N VAL C 54 2.81 -2.35 -10.04
CA VAL C 54 1.71 -2.49 -10.99
C VAL C 54 0.45 -1.86 -10.43
N LEU C 55 0.26 -0.58 -10.72
CA LEU C 55 -0.78 0.21 -10.06
C LEU C 55 -2.16 -0.46 -9.99
N ALA C 56 -2.45 -1.34 -10.94
CA ALA C 56 -3.77 -1.94 -11.03
C ALA C 56 -3.96 -3.10 -10.05
N ASP C 57 -2.91 -3.45 -9.32
CA ASP C 57 -3.03 -4.47 -8.29
C ASP C 57 -3.38 -3.83 -6.97
N PRO C 58 -4.52 -4.22 -6.38
CA PRO C 58 -4.95 -3.71 -5.09
C PRO C 58 -3.95 -4.05 -3.99
N GLU C 59 -3.28 -5.18 -4.14
CA GLU C 59 -2.31 -5.60 -3.15
C GLU C 59 -1.13 -4.66 -3.19
N CYS C 60 -1.07 -3.86 -4.25
CA CYS C 60 0.06 -2.99 -4.47
C CYS C 60 0.20 -2.09 -3.27
N PRO C 61 1.45 -1.86 -2.87
CA PRO C 61 1.77 -1.29 -1.57
C PRO C 61 2.00 0.21 -1.54
N VAL C 62 1.84 0.91 -2.65
CA VAL C 62 2.30 2.28 -2.75
C VAL C 62 1.66 3.19 -1.72
N ALA C 63 0.36 3.04 -1.54
CA ALA C 63 -0.40 3.86 -0.61
C ALA C 63 0.10 3.61 0.81
N ASP C 64 0.59 2.42 1.05
CA ASP C 64 1.16 2.12 2.35
C ASP C 64 2.40 2.92 2.72
N HIS C 65 3.25 3.22 1.74
CA HIS C 65 4.45 4.01 1.97
C HIS C 65 4.37 5.52 1.65
N ASN C 66 3.70 5.87 0.56
CA ASN C 66 3.35 7.28 0.26
C ASN C 66 1.87 7.49 0.54
N PRO C 67 1.53 8.33 1.55
CA PRO C 67 0.14 8.44 1.94
C PRO C 67 -0.67 9.01 0.79
N LEU C 68 0.01 9.69 -0.10
CA LEU C 68 -0.60 10.21 -1.31
C LEU C 68 -0.79 9.12 -2.36
N GLY C 69 -0.36 7.90 -2.04
CA GLY C 69 -0.49 6.79 -2.98
C GLY C 69 0.06 7.07 -4.38
N LYS C 70 1.13 7.85 -4.48
CA LYS C 70 1.70 8.11 -5.79
C LYS C 70 3.10 7.59 -5.95
N ILE C 71 3.39 7.11 -7.15
CA ILE C 71 4.75 6.80 -7.56
C ILE C 71 5.30 8.07 -8.22
N PRO C 72 6.61 8.34 -8.07
CA PRO C 72 7.55 7.47 -7.36
C PRO C 72 7.61 7.70 -5.85
N VAL C 73 8.27 6.77 -5.18
CA VAL C 73 8.53 6.92 -3.76
C VAL C 73 9.81 6.17 -3.48
N LEU C 74 10.68 6.78 -2.68
CA LEU C 74 11.94 6.17 -2.35
C LEU C 74 11.83 5.67 -0.92
N ILE C 75 12.09 4.39 -0.71
CA ILE C 75 12.09 3.87 0.64
C ILE C 75 13.54 3.74 1.07
N LEU C 76 13.88 4.43 2.16
CA LEU C 76 15.25 4.47 2.66
C LEU C 76 15.59 3.20 3.43
N PRO C 77 16.89 2.99 3.70
CA PRO C 77 17.30 1.80 4.45
C PRO C 77 16.82 2.00 5.87
N ASP C 78 16.10 3.09 6.05
CA ASP C 78 15.63 3.54 7.34
C ASP C 78 14.22 3.05 7.62
N GLY C 79 13.47 2.79 6.55
CA GLY C 79 12.04 2.51 6.64
C GLY C 79 11.26 3.72 6.19
N GLU C 80 11.91 4.89 6.22
CA GLU C 80 11.27 6.13 5.85
C GLU C 80 10.99 6.19 4.35
N SER C 81 9.99 6.96 3.99
CA SER C 81 9.65 7.15 2.60
C SER C 81 9.89 8.58 2.19
N LEU C 82 10.40 8.75 0.97
CA LEU C 82 10.60 10.06 0.41
C LEU C 82 9.78 10.19 -0.85
N TYR C 83 9.09 11.29 -0.97
CA TYR C 83 8.32 11.65 -2.16
C TYR C 83 8.19 13.15 -2.02
N ASP C 84 7.84 13.87 -3.06
CA ASP C 84 7.59 13.37 -4.40
C ASP C 84 8.90 13.40 -5.14
N SER C 85 8.85 13.33 -6.47
CA SER C 85 10.06 13.23 -7.27
C SER C 85 11.02 14.38 -7.04
N ARG C 86 10.49 15.58 -6.86
CA ARG C 86 11.26 16.78 -6.61
CA ARG C 86 11.31 16.75 -6.62
C ARG C 86 12.10 16.60 -5.34
N VAL C 87 11.50 15.95 -4.37
CA VAL C 87 12.13 15.76 -3.07
C VAL C 87 13.17 14.64 -3.15
N ILE C 88 12.85 13.62 -3.95
CA ILE C 88 13.70 12.45 -4.03
C ILE C 88 14.99 12.81 -4.77
N VAL C 89 14.86 13.60 -5.82
CA VAL C 89 16.04 13.91 -6.62
C VAL C 89 17.03 14.75 -5.83
N GLU C 90 16.53 15.66 -5.00
CA GLU C 90 17.43 16.43 -4.17
C GLU C 90 18.15 15.53 -3.18
N TYR C 91 17.42 14.56 -2.63
CA TYR C 91 18.02 13.62 -1.71
C TYR C 91 19.12 12.80 -2.41
N LEU C 92 18.88 12.42 -3.65
CA LEU C 92 19.82 11.60 -4.39
C LEU C 92 21.05 12.41 -4.87
N ASP C 93 20.85 13.68 -5.19
CA ASP C 93 21.95 14.47 -5.74
C ASP C 93 23.02 14.72 -4.68
N HIS C 94 22.65 14.58 -3.42
CA HIS C 94 23.55 14.82 -2.31
C HIS C 94 24.37 13.59 -1.88
N ARG C 95 24.00 12.43 -2.39
CA ARG C 95 24.70 11.21 -2.06
C ARG C 95 26.14 11.23 -2.54
N THR C 96 26.37 11.80 -3.70
CA THR C 96 27.73 11.85 -4.22
C THR C 96 28.00 13.08 -5.05
N PRO C 97 29.28 13.33 -5.27
CA PRO C 97 29.73 14.48 -6.06
C PRO C 97 30.12 13.99 -7.44
N VAL C 98 29.55 12.86 -7.84
CA VAL C 98 29.87 12.24 -9.13
C VAL C 98 29.54 13.31 -10.15
N ALA C 99 28.46 14.01 -9.87
CA ALA C 99 28.06 15.15 -10.65
C ALA C 99 27.14 15.88 -9.73
N HIS C 100 26.97 17.17 -9.94
CA HIS C 100 25.97 17.85 -9.18
C HIS C 100 24.87 18.14 -10.17
N LEU C 101 23.79 17.39 -10.06
CA LEU C 101 22.62 17.60 -10.90
C LEU C 101 21.92 18.90 -10.57
N ILE C 102 21.91 19.24 -9.29
CA ILE C 102 21.34 20.48 -8.80
C ILE C 102 22.49 21.33 -8.29
N PRO C 103 22.84 22.40 -9.02
CA PRO C 103 23.97 23.23 -8.59
C PRO C 103 23.86 23.63 -7.13
N GLN C 104 24.98 24.03 -6.55
CA GLN C 104 25.00 24.39 -5.14
C GLN C 104 24.71 25.87 -4.98
N ASP C 105 25.19 26.69 -5.92
CA ASP C 105 24.92 28.12 -5.87
C ASP C 105 23.44 28.35 -6.09
N HIS C 106 22.89 29.35 -5.39
CA HIS C 106 21.48 29.70 -5.45
C HIS C 106 20.99 30.15 -6.83
N THR C 107 21.78 30.97 -7.51
CA THR C 107 21.40 31.48 -8.82
C THR C 107 21.08 30.34 -9.79
N ALA C 108 21.95 29.35 -9.85
CA ALA C 108 21.78 28.28 -10.80
C ALA C 108 20.89 27.19 -10.20
N LYS C 109 20.89 27.03 -8.88
CA LYS C 109 19.95 26.07 -8.30
C LYS C 109 18.53 26.44 -8.70
N ILE C 110 18.18 27.70 -8.44
CA ILE C 110 16.84 28.18 -8.70
C ILE C 110 16.53 28.15 -10.20
N ALA C 111 17.52 28.38 -11.02
CA ALA C 111 17.28 28.33 -12.46
C ALA C 111 16.87 26.91 -12.84
N VAL C 112 17.62 25.93 -12.34
CA VAL C 112 17.36 24.54 -12.66
C VAL C 112 15.99 24.10 -12.16
N ARG C 113 15.64 24.48 -10.95
CA ARG C 113 14.35 24.06 -10.40
C ARG C 113 13.17 24.72 -11.11
N ARG C 114 13.43 25.82 -11.79
CA ARG C 114 12.37 26.51 -12.51
C ARG C 114 12.02 25.75 -13.80
N TRP C 115 13.03 25.44 -14.60
CA TRP C 115 12.91 24.51 -15.72
C TRP C 115 12.17 23.22 -15.32
N GLU C 116 12.60 22.61 -14.23
CA GLU C 116 11.98 21.37 -13.79
C GLU C 116 10.49 21.51 -13.57
N ALA C 117 10.10 22.57 -12.84
CA ALA C 117 8.70 22.86 -12.53
C ALA C 117 7.90 23.12 -13.81
N LEU C 118 8.53 23.76 -14.77
CA LEU C 118 7.88 23.91 -16.06
C LEU C 118 7.67 22.54 -16.69
N ALA C 119 8.75 21.77 -16.79
CA ALA C 119 8.66 20.44 -17.36
C ALA C 119 7.60 19.61 -16.63
N ASP C 120 7.76 19.46 -15.32
CA ASP C 120 6.78 18.78 -14.48
C ASP C 120 5.37 19.32 -14.77
N GLY C 121 5.27 20.61 -15.02
CA GLY C 121 3.97 21.24 -15.23
C GLY C 121 3.39 20.85 -16.57
N VAL C 122 4.19 20.92 -17.62
CA VAL C 122 3.73 20.52 -18.93
C VAL C 122 3.40 19.05 -18.91
N THR C 123 4.15 18.28 -18.11
CA THR C 123 3.88 16.87 -17.98
C THR C 123 2.52 16.67 -17.27
N ASP C 124 2.29 17.45 -16.22
CA ASP C 124 0.99 17.45 -15.53
C ASP C 124 -0.15 17.75 -16.52
N ALA C 125 0.04 18.76 -17.37
CA ALA C 125 -1.03 19.17 -18.25
C ALA C 125 -1.33 18.06 -19.25
N ALA C 126 -0.29 17.37 -19.69
CA ALA C 126 -0.42 16.35 -20.71
C ALA C 126 -1.00 15.08 -20.12
N VAL C 127 -0.70 14.80 -18.86
CA VAL C 127 -1.27 13.66 -18.17
C VAL C 127 -2.75 13.87 -17.95
N ALA C 128 -3.10 15.02 -17.39
CA ALA C 128 -4.50 15.38 -17.17
C ALA C 128 -5.34 15.22 -18.45
N ALA C 129 -4.87 15.79 -19.56
CA ALA C 129 -5.61 15.68 -20.81
C ALA C 129 -5.85 14.21 -21.17
N VAL C 130 -4.82 13.39 -21.00
CA VAL C 130 -5.00 11.94 -21.15
C VAL C 130 -6.09 11.40 -20.23
N MET C 131 -5.99 11.66 -18.92
CA MET C 131 -6.98 11.14 -17.98
C MET C 131 -8.39 11.54 -18.39
N GLU C 132 -8.56 12.77 -18.84
CA GLU C 132 -9.87 13.24 -19.29
C GLU C 132 -10.39 12.36 -20.41
N GLY C 133 -9.49 11.93 -21.28
CA GLY C 133 -9.85 11.06 -22.39
C GLY C 133 -10.16 9.66 -21.94
N ARG C 134 -9.83 9.36 -20.68
CA ARG C 134 -10.08 8.03 -20.12
C ARG C 134 -11.36 7.96 -19.30
N ARG C 135 -12.02 9.10 -19.14
CA ARG C 135 -13.32 9.16 -18.50
C ARG C 135 -14.35 8.58 -19.46
N PRO C 136 -15.45 8.08 -18.92
CA PRO C 136 -16.49 7.48 -19.74
C PRO C 136 -17.01 8.53 -20.71
N GLU C 137 -17.33 8.08 -21.91
CA GLU C 137 -17.39 8.92 -23.09
C GLU C 137 -18.39 10.04 -22.88
N GLY C 138 -19.45 9.71 -22.14
CA GLY C 138 -20.46 10.70 -21.80
C GLY C 138 -19.84 11.82 -21.00
N MET C 139 -18.97 11.45 -20.07
CA MET C 139 -18.43 12.38 -19.11
C MET C 139 -17.14 13.07 -19.55
N GLN C 140 -16.67 12.75 -20.74
CA GLN C 140 -15.48 13.39 -21.25
C GLN C 140 -15.83 14.86 -21.36
N ASP C 141 -14.94 15.73 -20.89
CA ASP C 141 -15.19 17.16 -21.05
C ASP C 141 -14.25 17.78 -22.08
N SER C 142 -14.84 18.37 -23.12
CA SER C 142 -14.12 18.93 -24.26
C SER C 142 -13.28 20.16 -23.94
N ALA C 143 -13.78 21.02 -23.06
CA ALA C 143 -13.08 22.26 -22.70
C ALA C 143 -11.84 21.94 -21.86
N VAL C 144 -12.04 21.06 -20.89
CA VAL C 144 -10.93 20.60 -20.08
C VAL C 144 -9.76 20.19 -20.95
N ILE C 145 -10.00 19.27 -21.88
CA ILE C 145 -8.89 18.74 -22.66
C ILE C 145 -8.14 19.85 -23.37
N GLU C 146 -8.87 20.73 -24.05
CA GLU C 146 -8.27 21.87 -24.75
C GLU C 146 -7.44 22.73 -23.80
N LYS C 147 -8.02 23.02 -22.64
CA LYS C 147 -7.32 23.81 -21.64
C LYS C 147 -5.93 23.22 -21.40
N GLN C 148 -5.89 21.99 -20.90
CA GLN C 148 -4.62 21.31 -20.60
C GLN C 148 -3.64 21.37 -21.77
N LEU C 149 -4.09 20.97 -22.95
CA LEU C 149 -3.26 20.92 -24.13
C LEU C 149 -2.70 22.29 -24.48
N ASN C 150 -3.42 23.34 -24.06
CA ASN C 150 -2.93 24.69 -24.21
C ASN C 150 -1.79 24.96 -23.24
N LYS C 151 -1.89 24.44 -22.02
CA LYS C 151 -0.74 24.50 -21.12
C LYS C 151 0.48 23.83 -21.81
N VAL C 152 0.30 22.59 -22.23
CA VAL C 152 1.37 21.80 -22.80
C VAL C 152 2.05 22.53 -23.94
N GLU C 153 1.25 23.21 -24.74
CA GLU C 153 1.73 23.92 -25.92
C GLU C 153 2.48 25.19 -25.58
N ARG C 154 2.07 25.88 -24.53
CA ARG C 154 2.78 27.07 -24.10
C ARG C 154 4.18 26.69 -23.62
N GLY C 155 4.24 25.84 -22.60
CA GLY C 155 5.53 25.36 -22.09
C GLY C 155 6.43 24.91 -23.23
N LEU C 156 5.89 24.04 -24.08
CA LEU C 156 6.68 23.55 -25.17
C LEU C 156 7.23 24.77 -25.89
N ARG C 157 6.35 25.64 -26.37
CA ARG C 157 6.81 26.80 -27.13
C ARG C 157 7.95 27.47 -26.37
N ARG C 158 7.77 27.61 -25.06
CA ARG C 158 8.66 28.40 -24.22
C ARG C 158 10.03 27.77 -24.09
N MET C 159 10.04 26.53 -23.64
CA MET C 159 11.27 25.76 -23.50
C MET C 159 12.06 25.72 -24.78
N ASP C 160 11.37 25.69 -25.90
CA ASP C 160 12.05 25.63 -27.18
C ASP C 160 12.71 26.98 -27.49
N GLN C 161 12.02 28.06 -27.14
CA GLN C 161 12.66 29.35 -27.21
C GLN C 161 13.82 29.38 -26.23
N ASP C 162 13.61 28.90 -25.01
CA ASP C 162 14.64 29.04 -23.99
C ASP C 162 15.92 28.31 -24.35
N LEU C 163 15.81 27.29 -25.18
CA LEU C 163 16.96 26.47 -25.56
C LEU C 163 17.64 26.93 -26.85
N GLU C 164 17.35 28.15 -27.28
CA GLU C 164 17.69 28.55 -28.63
C GLU C 164 19.19 28.47 -28.95
N LYS C 165 20.07 28.94 -28.08
CA LYS C 165 21.49 28.80 -28.35
C LYS C 165 22.21 27.87 -27.39
N ARG C 166 21.44 27.22 -26.53
CA ARG C 166 22.00 26.44 -25.45
C ARG C 166 22.31 25.00 -25.80
N LYS C 167 23.37 24.46 -25.22
CA LYS C 167 23.64 23.03 -25.29
C LYS C 167 22.66 22.36 -24.33
N TRP C 168 22.65 22.85 -23.08
CA TRP C 168 21.72 22.39 -22.06
C TRP C 168 20.93 23.56 -21.50
N CYS C 169 20.02 23.26 -20.59
CA CYS C 169 19.13 24.26 -20.02
C CYS C 169 19.87 25.37 -19.28
N VAL C 170 20.84 25.02 -18.45
CA VAL C 170 21.42 26.01 -17.55
C VAL C 170 22.94 26.02 -17.49
N ASN C 171 23.51 27.15 -17.87
CA ASN C 171 24.94 27.35 -17.70
C ASN C 171 25.74 26.31 -18.48
N GLU C 172 25.08 25.62 -19.38
CA GLU C 172 25.77 24.72 -20.27
C GLU C 172 26.27 23.51 -19.52
N SER C 173 25.74 23.24 -18.35
CA SER C 173 26.14 22.05 -17.65
C SER C 173 24.97 21.14 -17.53
N PHE C 174 25.15 19.89 -17.89
CA PHE C 174 24.05 18.96 -17.86
C PHE C 174 23.56 18.91 -16.42
N SER C 175 22.24 18.89 -16.27
CA SER C 175 21.60 19.13 -14.99
C SER C 175 20.24 18.47 -14.93
N LEU C 176 19.64 18.55 -13.75
CA LEU C 176 18.33 18.00 -13.52
C LEU C 176 17.34 18.64 -14.48
N ALA C 177 17.50 19.93 -14.72
CA ALA C 177 16.71 20.60 -15.75
C ALA C 177 16.66 19.79 -17.06
N ASP C 178 17.78 19.19 -17.43
CA ASP C 178 17.86 18.50 -18.72
C ASP C 178 17.17 17.14 -18.62
N ILE C 179 17.35 16.50 -17.47
CA ILE C 179 16.69 15.23 -17.23
C ILE C 179 15.19 15.42 -17.36
N ALA C 180 14.69 16.48 -16.75
CA ALA C 180 13.26 16.74 -16.66
C ALA C 180 12.62 17.04 -18.00
N VAL C 181 13.35 17.74 -18.87
CA VAL C 181 12.85 18.01 -20.20
C VAL C 181 12.70 16.69 -20.93
N GLY C 182 13.76 15.90 -20.90
CA GLY C 182 13.76 14.55 -21.45
C GLY C 182 12.55 13.72 -21.03
N CYS C 183 12.36 13.55 -19.73
CA CYS C 183 11.28 12.68 -19.27
C CYS C 183 9.93 13.20 -19.68
N MET C 184 9.88 14.50 -19.98
CA MET C 184 8.67 15.13 -20.44
C MET C 184 8.47 14.81 -21.92
N LEU C 185 9.53 15.00 -22.70
CA LEU C 185 9.46 14.67 -24.11
C LEU C 185 9.06 13.20 -24.25
N GLY C 186 9.72 12.35 -23.47
CA GLY C 186 9.36 10.93 -23.44
C GLY C 186 7.86 10.66 -23.36
N TYR C 187 7.21 11.21 -22.34
CA TYR C 187 5.78 11.01 -22.17
C TYR C 187 4.99 11.40 -23.42
N LEU C 188 5.35 12.54 -24.02
CA LEU C 188 4.71 12.97 -25.27
C LEU C 188 4.91 11.93 -26.36
N GLU C 189 6.13 11.41 -26.47
CA GLU C 189 6.41 10.31 -27.37
C GLU C 189 5.46 9.16 -27.09
N LEU C 190 5.29 8.86 -25.80
CA LEU C 190 4.48 7.73 -25.40
C LEU C 190 3.01 7.92 -25.74
N ARG C 191 2.44 9.06 -25.34
CA ARG C 191 0.99 9.25 -25.40
C ARG C 191 0.52 10.24 -26.46
N TYR C 192 1.42 11.05 -27.02
CA TYR C 192 1.03 11.98 -28.07
C TYR C 192 1.74 11.77 -29.41
N GLN C 193 1.79 10.52 -29.85
CA GLN C 193 2.43 10.16 -31.11
C GLN C 193 1.98 11.07 -32.24
N HIS C 194 0.71 11.47 -32.19
CA HIS C 194 0.14 12.30 -33.25
C HIS C 194 0.83 13.65 -33.29
N LEU C 195 1.48 14.03 -32.20
CA LEU C 195 2.19 15.29 -32.11
C LEU C 195 3.51 15.24 -32.87
N ASP C 196 3.67 16.14 -33.83
CA ASP C 196 4.90 16.27 -34.59
C ASP C 196 5.80 17.33 -33.96
N TRP C 197 5.97 17.22 -32.65
CA TRP C 197 6.68 18.24 -31.91
C TRP C 197 8.14 18.42 -32.34
N LYS C 198 8.76 17.34 -32.78
CA LYS C 198 10.16 17.42 -33.15
C LYS C 198 10.30 18.41 -34.28
N GLN C 199 9.41 18.33 -35.24
CA GLN C 199 9.39 19.30 -36.31
C GLN C 199 9.03 20.67 -35.79
N GLN C 200 8.05 20.72 -34.88
CA GLN C 200 7.59 21.99 -34.32
C GLN C 200 8.63 22.72 -33.49
N TYR C 201 9.33 21.99 -32.63
CA TYR C 201 10.32 22.62 -31.79
C TYR C 201 11.68 21.99 -32.02
N PRO C 202 12.45 22.58 -32.91
CA PRO C 202 13.75 22.06 -33.32
C PRO C 202 14.77 22.00 -32.19
N ASN C 203 14.79 23.05 -31.38
CA ASN C 203 15.70 23.10 -30.27
C ASN C 203 15.42 21.99 -29.29
N LEU C 204 14.13 21.71 -29.09
CA LEU C 204 13.71 20.61 -28.25
C LEU C 204 14.17 19.27 -28.82
N ALA C 205 14.14 19.14 -30.15
CA ALA C 205 14.56 17.90 -30.81
C ALA C 205 16.04 17.60 -30.63
N ARG C 206 16.89 18.60 -30.83
CA ARG C 206 18.29 18.51 -30.44
C ARG C 206 18.43 17.93 -29.03
N HIS C 207 17.90 18.68 -28.07
CA HIS C 207 17.98 18.29 -26.66
C HIS C 207 17.58 16.84 -26.47
N TYR C 208 16.50 16.42 -27.13
CA TYR C 208 16.04 15.05 -27.00
C TYR C 208 17.08 14.10 -27.54
N ALA C 209 17.51 14.36 -28.77
CA ALA C 209 18.55 13.58 -29.39
C ALA C 209 19.69 13.34 -28.41
N ALA C 210 20.20 14.43 -27.82
CA ALA C 210 21.40 14.34 -27.00
C ALA C 210 21.09 13.57 -25.72
N MET C 211 19.84 13.62 -25.30
CA MET C 211 19.40 12.87 -24.14
C MET C 211 19.30 11.42 -24.55
N MET C 212 19.03 11.20 -25.82
CA MET C 212 18.93 9.85 -26.37
C MET C 212 20.26 9.10 -26.30
N LYS C 213 21.34 9.82 -26.54
CA LYS C 213 22.65 9.24 -26.52
C LYS C 213 23.03 8.67 -25.16
N ARG C 214 22.62 9.33 -24.09
CA ARG C 214 22.97 8.89 -22.75
C ARG C 214 22.29 7.59 -22.33
N ALA C 215 23.07 6.71 -21.72
CA ALA C 215 22.63 5.42 -21.20
C ALA C 215 21.55 5.55 -20.13
N SER C 216 21.80 6.40 -19.16
CA SER C 216 20.87 6.58 -18.07
C SER C 216 19.48 6.84 -18.64
N PHE C 217 19.44 7.52 -19.79
CA PHE C 217 18.17 7.95 -20.35
C PHE C 217 17.49 6.83 -21.13
N LYS C 218 18.28 6.13 -21.94
CA LYS C 218 17.77 5.05 -22.75
C LYS C 218 17.37 3.83 -21.92
N ASP C 219 18.20 3.49 -20.95
CA ASP C 219 17.93 2.35 -20.10
C ASP C 219 16.62 2.51 -19.33
N THR C 220 16.03 3.71 -19.41
CA THR C 220 14.88 3.99 -18.57
C THR C 220 13.62 4.29 -19.35
N ALA C 221 13.67 4.12 -20.67
CA ALA C 221 12.50 4.39 -21.50
C ALA C 221 11.38 3.40 -21.18
N PRO C 222 10.12 3.80 -21.44
CA PRO C 222 8.97 2.93 -21.24
C PRO C 222 9.11 1.63 -22.03
N VAL C 223 8.35 0.60 -21.65
CA VAL C 223 8.31 -0.64 -22.42
C VAL C 223 6.96 -1.35 -22.28
N ASN D 17 11.28 48.44 -18.90
CA ASN D 17 10.11 48.46 -17.97
C ASN D 17 10.00 49.67 -17.04
N LEU D 18 9.47 49.41 -15.85
CA LEU D 18 9.37 50.41 -14.80
C LEU D 18 10.64 50.46 -13.98
N TYR D 19 11.07 51.68 -13.62
CA TYR D 19 12.28 51.85 -12.86
C TYR D 19 12.07 51.53 -11.39
N PHE D 20 13.15 51.16 -10.73
CA PHE D 20 13.09 50.77 -9.33
C PHE D 20 11.87 49.88 -9.14
N GLN D 21 11.62 49.04 -10.15
CA GLN D 21 10.51 48.11 -10.13
C GLN D 21 10.64 47.04 -9.06
N SER D 22 9.53 46.71 -8.43
CA SER D 22 9.55 45.75 -7.32
C SER D 22 9.10 44.36 -7.77
N MET D 23 9.62 43.34 -7.10
CA MET D 23 9.08 42.02 -7.31
C MET D 23 7.56 42.05 -7.20
N LYS D 24 6.90 41.28 -8.05
CA LYS D 24 5.45 41.22 -8.03
C LYS D 24 4.96 39.77 -7.87
N LEU D 25 3.91 39.59 -7.07
CA LEU D 25 3.28 38.28 -6.86
C LEU D 25 1.84 38.23 -7.39
N LEU D 26 1.65 37.66 -8.57
CA LEU D 26 0.32 37.31 -9.06
C LEU D 26 -0.29 36.30 -8.10
N TYR D 27 -1.46 36.62 -7.55
CA TYR D 27 -2.09 35.72 -6.58
C TYR D 27 -3.61 35.85 -6.52
N SER D 28 -4.26 34.94 -5.80
CA SER D 28 -5.70 35.01 -5.65
C SER D 28 -6.03 34.80 -4.18
N ASN D 29 -7.10 35.45 -3.74
CA ASN D 29 -7.49 35.43 -2.34
C ASN D 29 -7.56 34.02 -1.74
N THR D 30 -7.89 33.02 -2.54
CA THR D 30 -8.19 31.72 -1.97
C THR D 30 -7.08 30.69 -2.13
N SER D 31 -6.19 30.92 -3.09
CA SER D 31 -5.15 29.93 -3.39
C SER D 31 -4.28 29.60 -2.19
N PRO D 32 -4.28 28.34 -1.77
CA PRO D 32 -3.44 28.04 -0.61
C PRO D 32 -1.96 27.99 -1.01
N TYR D 33 -1.73 27.79 -2.31
CA TYR D 33 -0.39 27.77 -2.86
C TYR D 33 0.19 29.17 -2.86
N ALA D 34 -0.57 30.13 -3.39
CA ALA D 34 -0.12 31.52 -3.32
C ALA D 34 -0.02 31.97 -1.86
N ARG D 35 -0.86 31.41 -0.99
CA ARG D 35 -0.82 31.77 0.42
C ARG D 35 0.50 31.36 1.06
N LYS D 36 1.00 30.18 0.72
CA LYS D 36 2.31 29.76 1.22
C LYS D 36 3.42 30.75 0.81
N VAL D 37 3.41 31.19 -0.44
CA VAL D 37 4.39 32.16 -0.89
C VAL D 37 4.30 33.48 -0.15
N ARG D 38 3.06 33.95 0.08
CA ARG D 38 2.85 35.22 0.74
C ARG D 38 3.36 35.16 2.17
N VAL D 39 3.06 34.07 2.85
CA VAL D 39 3.52 33.86 4.22
C VAL D 39 5.04 33.75 4.32
N VAL D 40 5.67 33.28 3.26
CA VAL D 40 7.12 33.14 3.23
C VAL D 40 7.77 34.50 3.06
N ALA D 41 7.19 35.33 2.21
CA ALA D 41 7.63 36.69 2.03
C ALA D 41 7.54 37.49 3.33
N ALA D 42 6.41 37.35 4.03
CA ALA D 42 6.23 38.07 5.28
C ALA D 42 7.30 37.66 6.27
N GLU D 43 7.46 36.35 6.46
CA GLU D 43 8.42 35.80 7.42
C GLU D 43 9.83 36.22 7.08
N LYS D 44 10.14 36.33 5.79
CA LYS D 44 11.45 36.75 5.33
C LYS D 44 11.57 38.28 5.35
N ARG D 45 10.53 38.96 5.81
CA ARG D 45 10.52 40.42 5.83
C ARG D 45 10.74 41.02 4.43
N ILE D 46 10.19 40.37 3.40
CA ILE D 46 10.34 40.84 2.02
C ILE D 46 9.13 41.59 1.52
N ASP D 47 9.32 42.86 1.18
CA ASP D 47 8.29 43.65 0.54
C ASP D 47 8.07 43.09 -0.85
N VAL D 48 6.85 42.63 -1.10
CA VAL D 48 6.50 42.15 -2.43
C VAL D 48 5.24 42.84 -2.94
N ASP D 49 5.22 43.15 -4.22
CA ASP D 49 4.06 43.78 -4.84
C ASP D 49 2.96 42.75 -5.09
N MET D 50 1.90 42.82 -4.30
CA MET D 50 0.79 41.87 -4.34
C MET D 50 -0.19 42.23 -5.46
N VAL D 51 -0.32 41.36 -6.46
CA VAL D 51 -1.21 41.65 -7.58
C VAL D 51 -2.33 40.63 -7.73
N LEU D 52 -3.45 40.90 -7.06
CA LEU D 52 -4.60 40.02 -7.10
C LEU D 52 -5.04 39.73 -8.52
N VAL D 53 -5.41 38.47 -8.77
CA VAL D 53 -5.81 38.04 -10.11
C VAL D 53 -7.07 37.17 -10.04
N VAL D 54 -7.70 36.97 -11.19
CA VAL D 54 -8.88 36.12 -11.29
C VAL D 54 -8.76 35.13 -12.44
N LEU D 55 -8.27 33.93 -12.14
CA LEU D 55 -7.98 32.92 -13.18
C LEU D 55 -9.06 32.83 -14.25
N ALA D 56 -10.32 32.91 -13.83
CA ALA D 56 -11.42 32.82 -14.76
C ALA D 56 -11.30 33.85 -15.89
N ASP D 57 -11.01 35.09 -15.53
CA ASP D 57 -11.00 36.19 -16.51
C ASP D 57 -9.79 36.21 -17.44
N PRO D 58 -10.04 36.25 -18.75
CA PRO D 58 -9.01 36.30 -19.80
C PRO D 58 -8.41 37.69 -19.98
N GLU D 59 -8.45 38.50 -18.92
CA GLU D 59 -7.74 39.78 -18.91
C GLU D 59 -6.61 39.76 -17.89
N CYS D 60 -6.21 38.54 -17.55
CA CYS D 60 -5.05 38.28 -16.74
C CYS D 60 -3.95 37.85 -17.68
N PRO D 61 -2.74 38.29 -17.37
CA PRO D 61 -1.57 38.09 -18.23
C PRO D 61 -0.80 36.83 -17.86
N VAL D 62 -1.39 36.01 -17.01
CA VAL D 62 -0.66 35.00 -16.26
C VAL D 62 0.06 34.07 -17.20
N ALA D 63 -0.59 33.71 -18.28
CA ALA D 63 0.00 32.84 -19.27
C ALA D 63 1.22 33.54 -19.79
N ASP D 64 1.15 34.86 -19.84
CA ASP D 64 2.26 35.63 -20.35
C ASP D 64 3.51 35.41 -19.51
N HIS D 65 3.34 35.29 -18.21
CA HIS D 65 4.48 35.03 -17.35
C HIS D 65 4.72 33.56 -17.02
N ASN D 66 3.67 32.82 -16.69
CA ASN D 66 3.81 31.39 -16.49
C ASN D 66 3.05 30.69 -17.60
N PRO D 67 3.75 29.94 -18.42
CA PRO D 67 3.06 29.30 -19.54
C PRO D 67 2.05 28.25 -19.07
N LEU D 68 2.19 27.82 -17.83
CA LEU D 68 1.22 26.90 -17.27
C LEU D 68 -0.07 27.62 -16.91
N GLY D 69 -0.12 28.92 -17.19
CA GLY D 69 -1.26 29.75 -16.78
C GLY D 69 -1.68 29.50 -15.34
N LYS D 70 -0.71 29.15 -14.50
CA LYS D 70 -0.99 28.92 -13.09
C LYS D 70 -0.42 30.00 -12.18
N ILE D 71 -0.93 30.05 -10.95
CA ILE D 71 -0.59 31.08 -9.99
C ILE D 71 -0.31 30.29 -8.71
N PRO D 72 0.64 30.75 -7.86
CA PRO D 72 1.43 31.97 -7.92
C PRO D 72 2.52 32.05 -8.98
N VAL D 73 2.83 33.26 -9.40
CA VAL D 73 4.07 33.52 -10.09
C VAL D 73 4.68 34.80 -9.58
N LEU D 74 6.00 34.76 -9.45
CA LEU D 74 6.77 35.89 -8.96
C LEU D 74 7.53 36.47 -10.13
N ILE D 75 7.21 37.71 -10.49
CA ILE D 75 7.91 38.39 -11.54
C ILE D 75 8.99 39.23 -10.90
N LEU D 76 10.20 39.09 -11.42
CA LEU D 76 11.38 39.80 -10.91
C LEU D 76 11.55 41.09 -11.66
N PRO D 77 12.25 42.05 -11.04
CA PRO D 77 12.48 43.35 -11.65
C PRO D 77 12.95 43.23 -13.09
N ASP D 78 13.79 42.25 -13.38
CA ASP D 78 14.40 42.15 -14.71
C ASP D 78 13.39 41.68 -15.76
N GLY D 79 12.24 41.20 -15.31
CA GLY D 79 11.21 40.69 -16.21
C GLY D 79 11.01 39.18 -16.11
N GLU D 80 12.05 38.48 -15.68
CA GLU D 80 11.99 37.03 -15.59
C GLU D 80 10.95 36.59 -14.56
N SER D 81 10.35 35.43 -14.78
CA SER D 81 9.31 34.91 -13.89
C SER D 81 9.68 33.60 -13.21
N LEU D 82 9.25 33.45 -11.98
CA LEU D 82 9.45 32.24 -11.20
C LEU D 82 8.15 31.57 -10.74
N TYR D 83 8.08 30.26 -10.97
CA TYR D 83 6.95 29.43 -10.57
C TYR D 83 7.56 28.04 -10.51
N ASP D 84 6.95 27.06 -9.85
CA ASP D 84 5.72 27.17 -9.09
C ASP D 84 6.03 27.56 -7.66
N SER D 85 5.09 27.34 -6.75
CA SER D 85 5.25 27.79 -5.39
C SER D 85 6.48 27.21 -4.73
N ARG D 86 6.78 25.97 -5.03
CA ARG D 86 7.92 25.30 -4.41
C ARG D 86 9.30 25.86 -4.81
N VAL D 87 9.44 26.22 -6.08
CA VAL D 87 10.58 27.02 -6.53
C VAL D 87 10.60 28.40 -5.90
N ILE D 88 9.47 29.10 -5.93
CA ILE D 88 9.41 30.49 -5.47
C ILE D 88 9.82 30.67 -4.01
N VAL D 89 9.33 29.81 -3.13
CA VAL D 89 9.67 29.94 -1.73
C VAL D 89 11.17 29.73 -1.49
N GLU D 90 11.78 28.79 -2.21
CA GLU D 90 13.21 28.55 -2.08
C GLU D 90 14.00 29.77 -2.53
N TYR D 91 13.49 30.45 -3.54
CA TYR D 91 14.21 31.60 -4.04
C TYR D 91 14.18 32.69 -2.98
N LEU D 92 13.02 32.84 -2.34
CA LEU D 92 12.81 33.90 -1.37
C LEU D 92 13.56 33.61 -0.07
N ASP D 93 13.76 32.33 0.25
CA ASP D 93 14.47 32.01 1.46
C ASP D 93 15.93 32.50 1.45
N HIS D 94 16.47 32.81 0.27
CA HIS D 94 17.87 33.24 0.15
C HIS D 94 18.03 34.69 -0.32
N ARG D 95 17.00 35.51 -0.11
CA ARG D 95 17.07 36.91 -0.54
C ARG D 95 17.22 37.88 0.63
N THR D 96 16.96 37.38 1.84
CA THR D 96 17.25 38.10 3.07
C THR D 96 17.82 37.12 4.09
N PRO D 97 18.54 37.67 5.07
CA PRO D 97 19.20 36.88 6.10
C PRO D 97 18.34 36.76 7.31
N VAL D 98 17.09 37.16 7.22
CA VAL D 98 16.26 37.25 8.39
C VAL D 98 16.06 35.92 9.11
N ALA D 99 15.77 34.88 8.37
CA ALA D 99 15.48 33.62 8.98
C ALA D 99 15.70 32.57 7.94
N HIS D 100 15.79 31.33 8.34
CA HIS D 100 15.89 30.30 7.34
C HIS D 100 14.65 29.45 7.43
N LEU D 101 13.87 29.44 6.37
CA LEU D 101 12.65 28.65 6.37
C LEU D 101 12.95 27.24 5.90
N ILE D 102 14.03 27.14 5.14
CA ILE D 102 14.57 25.86 4.71
C ILE D 102 15.98 25.68 5.27
N PRO D 103 16.15 24.71 6.19
CA PRO D 103 17.43 24.47 6.86
C PRO D 103 18.58 24.25 5.88
N GLN D 104 19.80 24.57 6.28
CA GLN D 104 20.97 24.34 5.44
C GLN D 104 21.39 22.87 5.44
N ASP D 105 21.52 22.28 6.62
CA ASP D 105 21.98 20.91 6.68
C ASP D 105 21.09 20.06 5.77
N HIS D 106 21.66 18.99 5.23
CA HIS D 106 20.96 18.23 4.20
C HIS D 106 19.74 17.46 4.70
N THR D 107 19.91 16.78 5.83
CA THR D 107 18.86 15.94 6.39
C THR D 107 17.63 16.77 6.74
N ALA D 108 17.85 17.88 7.42
CA ALA D 108 16.77 18.76 7.78
C ALA D 108 16.11 19.35 6.52
N LYS D 109 16.91 19.82 5.57
CA LYS D 109 16.35 20.33 4.32
C LYS D 109 15.42 19.31 3.68
N ILE D 110 15.93 18.10 3.48
CA ILE D 110 15.12 17.07 2.84
C ILE D 110 13.85 16.79 3.66
N ALA D 111 14.00 16.72 4.98
CA ALA D 111 12.85 16.46 5.85
C ALA D 111 11.77 17.53 5.65
N VAL D 112 12.20 18.79 5.61
CA VAL D 112 11.28 19.90 5.46
C VAL D 112 10.59 19.86 4.10
N ARG D 113 11.36 19.57 3.07
CA ARG D 113 10.80 19.51 1.73
C ARG D 113 9.80 18.38 1.60
N ARG D 114 10.08 17.26 2.26
CA ARG D 114 9.17 16.14 2.22
C ARG D 114 7.83 16.46 2.92
N TRP D 115 7.90 17.13 4.07
CA TRP D 115 6.70 17.65 4.75
C TRP D 115 5.86 18.50 3.81
N GLU D 116 6.52 19.42 3.12
CA GLU D 116 5.89 20.33 2.19
C GLU D 116 5.19 19.59 1.08
N ALA D 117 5.88 18.60 0.52
CA ALA D 117 5.31 17.77 -0.53
C ALA D 117 4.07 17.03 -0.04
N LEU D 118 4.10 16.52 1.19
CA LEU D 118 2.93 15.82 1.68
C LEU D 118 1.81 16.82 1.81
N ALA D 119 2.12 17.99 2.36
CA ALA D 119 1.11 19.05 2.52
C ALA D 119 0.53 19.49 1.18
N ASP D 120 1.43 19.80 0.26
CA ASP D 120 1.04 20.23 -1.07
C ASP D 120 0.20 19.20 -1.81
N GLY D 121 0.49 17.93 -1.56
CA GLY D 121 -0.23 16.86 -2.24
C GLY D 121 -1.63 16.74 -1.70
N VAL D 122 -1.76 16.79 -0.38
CA VAL D 122 -3.07 16.71 0.23
C VAL D 122 -3.96 17.81 -0.32
N THR D 123 -3.39 19.00 -0.44
CA THR D 123 -4.08 20.15 -1.00
C THR D 123 -4.50 19.82 -2.42
N ASP D 124 -3.54 19.37 -3.21
CA ASP D 124 -3.79 18.90 -4.57
C ASP D 124 -5.04 18.05 -4.62
N ALA D 125 -5.14 17.11 -3.69
CA ALA D 125 -6.21 16.14 -3.75
C ALA D 125 -7.54 16.81 -3.38
N ALA D 126 -7.51 17.62 -2.32
CA ALA D 126 -8.69 18.39 -1.91
C ALA D 126 -9.13 19.35 -3.00
N VAL D 127 -8.19 20.06 -3.60
CA VAL D 127 -8.52 20.92 -4.72
C VAL D 127 -9.16 20.09 -5.83
N ALA D 128 -8.57 18.92 -6.09
CA ALA D 128 -9.09 18.04 -7.12
C ALA D 128 -10.52 17.57 -6.80
N ALA D 129 -10.77 17.21 -5.54
CA ALA D 129 -12.10 16.78 -5.16
C ALA D 129 -13.06 17.92 -5.45
N VAL D 130 -12.69 19.11 -5.01
CA VAL D 130 -13.56 20.27 -5.16
C VAL D 130 -13.89 20.53 -6.62
N MET D 131 -12.89 20.35 -7.49
CA MET D 131 -13.02 20.60 -8.92
C MET D 131 -13.96 19.64 -9.63
N GLU D 132 -13.91 18.37 -9.24
CA GLU D 132 -14.76 17.36 -9.85
C GLU D 132 -16.19 17.63 -9.44
N GLY D 133 -16.37 18.07 -8.20
CA GLY D 133 -17.67 18.52 -7.73
C GLY D 133 -18.21 19.65 -8.62
N ARG D 134 -17.34 20.55 -9.05
CA ARG D 134 -17.77 21.67 -9.87
C ARG D 134 -18.27 21.24 -11.24
N ARG D 135 -17.90 20.04 -11.67
CA ARG D 135 -18.25 19.59 -13.01
C ARG D 135 -19.73 19.30 -13.14
N PRO D 136 -20.31 19.70 -14.27
CA PRO D 136 -21.72 19.52 -14.57
C PRO D 136 -22.28 18.22 -14.01
N GLU D 137 -23.58 18.21 -13.70
CA GLU D 137 -24.26 17.03 -13.20
C GLU D 137 -23.93 15.78 -14.01
N GLY D 138 -24.16 15.85 -15.32
CA GLY D 138 -23.85 14.74 -16.22
C GLY D 138 -22.45 14.17 -16.03
N MET D 139 -21.49 15.04 -15.74
CA MET D 139 -20.08 14.68 -15.88
C MET D 139 -19.27 14.56 -14.59
N GLN D 140 -19.95 14.45 -13.45
CA GLN D 140 -19.23 14.28 -12.19
C GLN D 140 -18.84 12.83 -11.96
N ASP D 141 -17.80 12.60 -11.16
CA ASP D 141 -17.37 11.23 -10.85
C ASP D 141 -17.14 10.97 -9.37
N SER D 142 -18.10 10.28 -8.77
CA SER D 142 -18.03 9.86 -7.38
C SER D 142 -16.75 9.07 -7.10
N ALA D 143 -16.42 8.17 -8.00
CA ALA D 143 -15.21 7.39 -7.83
C ALA D 143 -14.00 8.32 -7.68
N VAL D 144 -13.76 9.15 -8.70
CA VAL D 144 -12.67 10.12 -8.66
C VAL D 144 -12.65 10.93 -7.38
N ILE D 145 -13.81 11.19 -6.80
CA ILE D 145 -13.90 12.01 -5.60
C ILE D 145 -13.48 11.21 -4.37
N GLU D 146 -14.06 10.01 -4.25
CA GLU D 146 -13.66 9.05 -3.25
C GLU D 146 -12.14 8.91 -3.19
N LYS D 147 -11.53 8.73 -4.36
CA LYS D 147 -10.09 8.51 -4.47
C LYS D 147 -9.32 9.64 -3.80
N GLN D 148 -9.40 10.83 -4.38
CA GLN D 148 -8.81 12.04 -3.82
C GLN D 148 -9.02 12.19 -2.31
N LEU D 149 -10.25 11.98 -1.85
CA LEU D 149 -10.59 12.20 -0.45
C LEU D 149 -9.92 11.19 0.49
N ASN D 150 -9.66 9.99 -0.02
CA ASN D 150 -8.89 9.02 0.75
C ASN D 150 -7.43 9.45 0.90
N LYS D 151 -6.86 10.03 -0.15
CA LYS D 151 -5.51 10.61 -0.07
C LYS D 151 -5.49 11.72 0.96
N VAL D 152 -6.55 12.52 0.99
CA VAL D 152 -6.62 13.63 1.92
C VAL D 152 -6.55 13.12 3.36
N GLU D 153 -7.40 12.15 3.68
CA GLU D 153 -7.44 11.61 5.03
C GLU D 153 -6.21 10.78 5.37
N ARG D 154 -5.61 10.15 4.38
CA ARG D 154 -4.39 9.39 4.63
C ARG D 154 -3.26 10.35 5.04
N GLY D 155 -3.05 11.40 4.24
CA GLY D 155 -2.07 12.44 4.57
C GLY D 155 -2.33 13.05 5.94
N LEU D 156 -3.56 13.50 6.17
CA LEU D 156 -3.88 14.19 7.40
C LEU D 156 -3.44 13.32 8.56
N ARG D 157 -3.75 12.04 8.46
CA ARG D 157 -3.45 11.11 9.54
C ARG D 157 -1.95 10.94 9.74
N ARG D 158 -1.19 10.89 8.65
CA ARG D 158 0.27 10.79 8.75
C ARG D 158 0.87 12.06 9.38
N MET D 159 0.34 13.21 9.00
CA MET D 159 0.86 14.49 9.47
C MET D 159 0.51 14.72 10.93
N ASP D 160 -0.64 14.18 11.33
CA ASP D 160 -1.16 14.34 12.69
C ASP D 160 -0.41 13.47 13.72
N GLN D 161 0.06 12.30 13.31
CA GLN D 161 0.85 11.45 14.20
C GLN D 161 2.30 11.89 14.19
N ASP D 162 2.77 12.37 13.04
CA ASP D 162 4.15 12.86 12.93
C ASP D 162 4.38 14.07 13.80
N LEU D 163 3.32 14.84 14.04
CA LEU D 163 3.40 15.98 14.94
C LEU D 163 3.33 15.59 16.41
N GLU D 164 2.94 14.34 16.67
CA GLU D 164 2.79 13.87 18.05
C GLU D 164 3.95 14.30 18.94
N LYS D 165 3.61 14.89 20.09
CA LYS D 165 4.60 15.40 21.04
C LYS D 165 5.62 16.36 20.42
N ARG D 166 5.28 16.96 19.28
CA ARG D 166 6.16 17.96 18.65
C ARG D 166 5.56 19.36 18.65
N LYS D 167 6.43 20.36 18.63
CA LYS D 167 6.02 21.75 18.63
C LYS D 167 5.91 22.26 17.19
N TRP D 168 6.92 21.93 16.39
CA TRP D 168 6.91 22.27 14.97
C TRP D 168 7.26 21.05 14.17
N CYS D 169 7.10 21.13 12.85
CA CYS D 169 7.35 19.96 12.02
C CYS D 169 8.77 19.40 12.20
N VAL D 170 9.78 20.24 12.03
CA VAL D 170 11.14 19.73 11.96
C VAL D 170 12.08 20.36 12.98
N ASN D 171 12.64 19.51 13.83
CA ASN D 171 13.58 19.94 14.85
C ASN D 171 13.04 21.08 15.69
N GLU D 172 11.74 21.06 15.95
CA GLU D 172 11.16 22.02 16.88
C GLU D 172 11.45 23.41 16.39
N SER D 173 11.75 23.54 15.11
CA SER D 173 12.11 24.83 14.56
C SER D 173 11.12 25.24 13.48
N PHE D 174 10.58 26.43 13.60
CA PHE D 174 9.57 26.88 12.67
C PHE D 174 10.19 26.88 11.30
N SER D 175 9.46 26.39 10.32
CA SER D 175 10.02 26.21 9.00
C SER D 175 8.96 26.25 7.94
N LEU D 176 9.40 26.07 6.71
CA LEU D 176 8.54 26.07 5.55
C LEU D 176 7.51 24.98 5.69
N ALA D 177 7.88 23.88 6.33
CA ALA D 177 6.97 22.78 6.55
C ALA D 177 5.76 23.19 7.38
N ASP D 178 5.99 24.00 8.39
CA ASP D 178 4.90 24.48 9.23
C ASP D 178 3.94 25.36 8.44
N ILE D 179 4.50 26.17 7.57
CA ILE D 179 3.76 27.05 6.71
C ILE D 179 2.87 26.28 5.74
N ALA D 180 3.43 25.29 5.06
CA ALA D 180 2.67 24.47 4.13
C ALA D 180 1.59 23.70 4.87
N VAL D 181 1.92 23.15 6.04
CA VAL D 181 0.90 22.48 6.83
C VAL D 181 -0.19 23.49 7.16
N GLY D 182 0.21 24.75 7.34
CA GLY D 182 -0.75 25.79 7.69
C GLY D 182 -1.73 26.06 6.57
N CYS D 183 -1.18 26.25 5.38
CA CYS D 183 -1.94 26.68 4.22
C CYS D 183 -2.88 25.58 3.74
N MET D 184 -2.48 24.34 3.93
CA MET D 184 -3.31 23.21 3.57
C MET D 184 -4.51 23.17 4.49
N LEU D 185 -4.25 23.19 5.79
CA LEU D 185 -5.32 23.20 6.77
C LEU D 185 -6.30 24.36 6.54
N GLY D 186 -5.76 25.55 6.37
CA GLY D 186 -6.60 26.69 6.05
C GLY D 186 -7.56 26.32 4.93
N TYR D 187 -7.01 25.74 3.86
CA TYR D 187 -7.85 25.33 2.73
C TYR D 187 -9.03 24.43 3.13
N LEU D 188 -8.80 23.50 4.06
CA LEU D 188 -9.87 22.65 4.53
C LEU D 188 -10.84 23.49 5.34
N GLU D 189 -10.31 24.50 6.02
CA GLU D 189 -11.15 25.48 6.68
C GLU D 189 -12.06 26.12 5.63
N LEU D 190 -11.48 26.58 4.53
CA LEU D 190 -12.24 27.23 3.47
C LEU D 190 -13.25 26.30 2.80
N ARG D 191 -12.83 25.10 2.37
CA ARG D 191 -13.65 24.30 1.46
C ARG D 191 -14.26 23.02 2.04
N TYR D 192 -13.82 22.60 3.22
CA TYR D 192 -14.32 21.37 3.83
C TYR D 192 -14.79 21.59 5.25
N GLN D 193 -15.65 22.58 5.45
CA GLN D 193 -16.16 22.88 6.78
C GLN D 193 -16.88 21.69 7.40
N HIS D 194 -17.34 20.77 6.57
CA HIS D 194 -18.11 19.63 7.04
C HIS D 194 -17.19 18.65 7.75
N LEU D 195 -15.90 18.94 7.72
CA LEU D 195 -14.89 18.04 8.26
C LEU D 195 -14.42 18.47 9.64
N ASP D 196 -14.67 17.63 10.64
CA ASP D 196 -14.22 17.91 11.99
C ASP D 196 -12.80 17.34 12.18
N TRP D 197 -11.89 17.75 11.32
CA TRP D 197 -10.51 17.33 11.42
C TRP D 197 -9.91 17.87 12.68
N LYS D 198 -10.34 19.07 13.07
CA LYS D 198 -9.97 19.59 14.37
C LYS D 198 -10.16 18.50 15.42
N GLN D 199 -11.31 17.84 15.41
CA GLN D 199 -11.68 16.85 16.45
C GLN D 199 -10.89 15.53 16.31
N GLN D 200 -10.54 15.14 15.08
CA GLN D 200 -9.90 13.84 14.94
C GLN D 200 -8.37 13.92 14.83
N TYR D 201 -7.86 15.11 14.48
CA TYR D 201 -6.42 15.30 14.34
C TYR D 201 -5.90 16.39 15.27
N PRO D 202 -6.09 16.21 16.60
CA PRO D 202 -5.81 17.22 17.62
C PRO D 202 -4.34 17.66 17.72
N ASN D 203 -3.42 16.92 17.11
CA ASN D 203 -2.06 17.40 16.99
C ASN D 203 -2.06 18.49 15.92
N LEU D 204 -2.72 18.20 14.80
CA LEU D 204 -2.97 19.17 13.73
C LEU D 204 -3.75 20.38 14.25
N ALA D 205 -4.67 20.14 15.19
CA ALA D 205 -5.42 21.24 15.79
C ALA D 205 -4.49 22.24 16.47
N ARG D 206 -3.73 21.78 17.46
CA ARG D 206 -2.73 22.60 18.14
C ARG D 206 -1.91 23.38 17.12
N HIS D 207 -1.17 22.66 16.30
CA HIS D 207 -0.25 23.26 15.37
C HIS D 207 -0.97 24.38 14.64
N TYR D 208 -2.24 24.16 14.35
CA TYR D 208 -3.07 25.17 13.68
C TYR D 208 -3.35 26.35 14.60
N ALA D 209 -3.83 26.09 15.80
CA ALA D 209 -3.96 27.16 16.76
C ALA D 209 -2.68 27.99 16.71
N ALA D 210 -1.55 27.31 16.79
CA ALA D 210 -0.26 27.97 16.85
C ALA D 210 -0.05 28.95 15.70
N MET D 211 -0.28 28.47 14.47
CA MET D 211 -0.12 29.28 13.27
C MET D 211 -1.06 30.47 13.18
N MET D 212 -2.28 30.29 13.68
CA MET D 212 -3.29 31.35 13.66
C MET D 212 -2.83 32.56 14.46
N LYS D 213 -2.04 32.32 15.49
CA LYS D 213 -1.51 33.39 16.32
C LYS D 213 -0.27 34.07 15.70
N ARG D 214 0.11 33.62 14.51
CA ARG D 214 1.21 34.25 13.77
C ARG D 214 0.70 35.29 12.77
N ALA D 215 1.19 36.52 12.91
CA ALA D 215 0.77 37.61 12.06
C ALA D 215 0.87 37.23 10.61
N SER D 216 2.07 36.84 10.18
CA SER D 216 2.29 36.44 8.79
C SER D 216 1.20 35.50 8.32
N PHE D 217 0.78 34.58 9.19
CA PHE D 217 -0.22 33.62 8.82
C PHE D 217 -1.64 34.19 8.80
N LYS D 218 -2.08 34.75 9.93
CA LYS D 218 -3.45 35.26 10.04
C LYS D 218 -3.76 36.33 8.99
N ASP D 219 -2.78 37.18 8.70
CA ASP D 219 -2.93 38.28 7.73
C ASP D 219 -3.11 37.82 6.30
N THR D 220 -3.15 36.52 6.08
CA THR D 220 -3.33 35.99 4.72
C THR D 220 -4.49 35.01 4.63
N ALA D 221 -5.26 34.89 5.70
CA ALA D 221 -6.46 34.08 5.66
C ALA D 221 -7.36 34.54 4.50
N PRO D 222 -7.95 33.58 3.78
CA PRO D 222 -8.93 33.91 2.75
C PRO D 222 -10.00 34.83 3.33
N VAL D 223 -10.32 35.92 2.64
CA VAL D 223 -11.20 36.95 3.21
C VAL D 223 -12.71 36.68 3.06
N ILE D 224 -13.08 35.41 2.91
CA ILE D 224 -14.49 35.04 2.86
C ILE D 224 -15.03 34.64 4.22
N1 GSH E . -2.51 -16.77 5.85
CA1 GSH E . -1.29 -15.93 5.87
C1 GSH E . -0.90 -15.87 7.32
O11 GSH E . 0.27 -15.65 7.64
O12 GSH E . -1.80 -16.08 8.17
CB1 GSH E . -1.58 -14.56 5.24
CG1 GSH E . -0.35 -13.65 5.15
CD1 GSH E . -0.70 -12.30 4.56
OE1 GSH E . -1.81 -12.09 4.08
N2 GSH E . 0.26 -11.36 4.57
CA2 GSH E . 0.21 -10.05 3.94
C2 GSH E . -0.73 -9.07 4.61
O2 GSH E . -0.87 -9.07 5.83
CB2 GSH E . -0.10 -10.17 2.45
SG2 GSH E . 1.27 -10.94 1.57
N3 GSH E . -1.38 -8.22 3.82
CA3 GSH E . -2.38 -7.29 4.34
C3 GSH E . -1.81 -5.95 4.74
O31 GSH E . -2.57 -4.96 4.77
O32 GSH E . -0.59 -5.87 5.03
N1 GSH F . -10.28 -21.05 5.22
CA1 GSH F . -11.47 -21.76 5.72
C1 GSH F . -11.17 -23.24 5.88
O11 GSH F . -12.08 -23.92 6.38
O12 GSH F . -10.06 -23.72 5.54
CB1 GSH F . -12.74 -21.51 4.90
CG1 GSH F . -12.65 -21.84 3.41
CD1 GSH F . -13.75 -21.16 2.61
OE1 GSH F . -13.72 -19.96 2.42
N2 GSH F . -14.75 -21.92 2.14
CA2 GSH F . -15.74 -21.39 1.21
C2 GSH F . -16.83 -20.60 1.87
O2 GSH F . -17.52 -21.12 2.74
CB2 GSH F . -16.33 -22.51 0.36
SG2 GSH F . -15.07 -23.26 -0.74
N3 GSH F . -17.00 -19.33 1.46
CA3 GSH F . -18.16 -18.56 1.87
C3 GSH F . -17.92 -17.08 2.04
O31 GSH F . -16.76 -16.63 2.09
O32 GSH F . -18.93 -16.33 2.14
N1 GSH G . 3.89 15.10 -8.43
CA1 GSH G . 4.37 13.69 -8.43
C1 GSH G . 5.87 13.62 -8.49
O11 GSH G . 6.45 12.66 -7.93
O12 GSH G . 6.48 14.52 -9.10
CB1 GSH G . 3.72 12.90 -9.56
CG1 GSH G . 2.97 11.71 -8.96
CD1 GSH G . 2.03 11.11 -9.97
OE1 GSH G . 1.03 11.69 -10.35
N2 GSH G . 2.33 9.88 -10.38
CA2 GSH G . 1.31 9.05 -10.96
C2 GSH G . 0.56 8.34 -9.88
O2 GSH G . 1.18 7.76 -9.00
CB2 GSH G . 1.95 8.07 -11.95
SG2 GSH G . 2.31 8.85 -13.55
N3 GSH G . -0.77 8.42 -9.95
CA3 GSH G . -1.62 7.40 -9.40
C3 GSH G . -2.46 7.97 -8.28
O31 GSH G . -2.60 7.30 -7.23
O32 GSH G . -2.97 9.09 -8.46
N1 GSH H . 2.07 23.42 -8.37
CA1 GSH H . 1.56 24.82 -8.30
C1 GSH H . 2.20 25.55 -7.15
O11 GSH H . 2.22 26.80 -7.15
O12 GSH H . 2.71 24.89 -6.23
CB1 GSH H . 0.02 24.81 -8.24
CG1 GSH H . -0.62 26.16 -8.60
CD1 GSH H . -2.11 26.01 -8.89
OE1 GSH H . -2.55 24.96 -9.35
N2 GSH H . -2.90 27.05 -8.61
CA2 GSH H . -4.27 27.14 -9.12
C2 GSH H . -4.30 27.59 -10.57
O2 GSH H . -3.81 28.66 -10.91
CB2 GSH H . -5.11 28.05 -8.23
SG2 GSH H . -5.34 27.36 -6.56
N3 GSH H . -4.86 26.75 -11.44
CA3 GSH H . -5.86 27.16 -12.40
C3 GSH H . -5.48 26.88 -13.84
O31 GSH H . -4.95 25.78 -14.14
O32 GSH H . -5.70 27.77 -14.69
#